data_6FNE
#
_entry.id   6FNE
#
_cell.length_a   65.912
_cell.length_b   66.161
_cell.length_c   218.823
_cell.angle_alpha   90.00
_cell.angle_beta   90.00
_cell.angle_gamma   90.00
#
_symmetry.space_group_name_H-M   'P 21 21 21'
#
loop_
_entity.id
_entity.type
_entity.pdbx_description
1 polymer 'IQ motif and SEC7 domain-containing protein 1'
2 non-polymer (2~{S})-6-methyl-5-nitro-2-(trifluoromethyl)-2,3-dihydrochromen-4-one
3 non-polymer 'NONAETHYLENE GLYCOL'
4 water water
#
_entity_poly.entity_id   1
_entity_poly.type   'polypeptide(L)'
_entity_poly.pdbx_seq_one_letter_code
;MSYYHHHHHHDYDIPTTENLYFQGAMGSEFMSWDSPAFSNDVIRKRHYRIGLNLFNKKPEKGVQYLIERGFVPDTPVGVA
HFLLQRKGLSRQMIGEFLGNRQKQFNRDVLDCVVDEMDFSTMELDEALRKFQAHIRVQGEAQKVERLIEAFSQRYCICNP
GVVRQFRNPDTIFILAFAIILLNTDMYSPNVKPERKMKLEDFIKNLRGVDDGEDIPREMLMGIYERIRKRELKTNEDHVS
QVQKVEKLIVGKKPIGSLHPGLGCVLSLPHRRLVCYCRLFEVPDPNKPQKLGLHQREIFLFNDLLVVTKIFQKKKNSVTY
SFRQSFSLYGMQVLLFENQYYPNGIRLTSSVPGADIKVLINFNAPNPQDRKKFTDDLRESIAEVQEMEKHRIESELEKQK
GVVRP
;
_entity_poly.pdbx_strand_id   A,B
#
# COMPACT_ATOMS: atom_id res chain seq x y z
N SER A 39 43.66 10.43 5.42
CA SER A 39 43.83 10.34 6.88
C SER A 39 42.62 10.93 7.60
N ASN A 40 42.36 10.46 8.83
CA ASN A 40 41.27 11.02 9.65
C ASN A 40 41.71 12.34 10.28
N ASP A 41 41.87 13.31 9.40
CA ASP A 41 42.37 14.65 9.70
C ASP A 41 41.19 15.51 10.12
N VAL A 42 41.42 16.44 11.02
CA VAL A 42 40.32 17.35 11.39
C VAL A 42 39.89 18.17 10.19
N ILE A 43 40.84 18.82 9.51
CA ILE A 43 40.47 19.64 8.35
C ILE A 43 39.84 18.78 7.28
N ARG A 44 40.40 17.59 7.07
CA ARG A 44 39.84 16.72 6.05
C ARG A 44 38.40 16.41 6.39
N LYS A 45 38.17 15.79 7.55
CA LYS A 45 36.79 15.51 7.99
C LYS A 45 35.91 16.75 7.81
N ARG A 46 36.35 17.89 8.35
CA ARG A 46 35.57 19.12 8.25
C ARG A 46 35.19 19.48 6.82
N HIS A 47 35.98 19.06 5.84
CA HIS A 47 35.58 19.41 4.47
C HIS A 47 34.62 18.40 3.87
N TYR A 48 34.75 17.14 4.24
CA TYR A 48 33.66 16.19 4.01
C TYR A 48 32.34 16.78 4.46
N ARG A 49 32.21 17.07 5.76
CA ARG A 49 30.93 17.62 6.22
C ARG A 49 30.54 18.86 5.45
N ILE A 50 31.50 19.70 5.06
CA ILE A 50 31.14 20.88 4.27
C ILE A 50 30.56 20.45 2.93
N GLY A 51 31.06 19.37 2.37
CA GLY A 51 30.48 18.88 1.14
C GLY A 51 29.04 18.52 1.34
N LEU A 52 28.79 17.62 2.30
CA LEU A 52 27.43 17.22 2.67
C LEU A 52 26.51 18.41 2.89
N ASN A 53 26.96 19.43 3.62
CA ASN A 53 26.09 20.62 3.78
C ASN A 53 25.77 21.28 2.44
N LEU A 54 26.75 21.42 1.55
CA LEU A 54 26.46 21.95 0.22
C LEU A 54 25.47 21.06 -0.52
N PHE A 55 25.69 19.74 -0.47
CA PHE A 55 24.72 18.82 -1.06
C PHE A 55 23.32 19.10 -0.53
N ASN A 56 23.14 19.04 0.80
CA ASN A 56 21.83 19.30 1.38
C ASN A 56 21.29 20.71 1.12
N LYS A 57 22.03 21.65 0.53
CA LYS A 57 21.41 22.91 0.10
C LYS A 57 21.26 22.99 -1.40
N LYS A 58 22.35 22.68 -2.14
CA LYS A 58 22.41 22.74 -3.60
C LYS A 58 23.06 21.44 -4.03
N PRO A 59 22.27 20.37 -4.20
CA PRO A 59 22.83 19.07 -4.57
C PRO A 59 23.88 19.10 -5.66
N GLU A 60 23.63 19.82 -6.76
CA GLU A 60 24.61 19.86 -7.85
C GLU A 60 25.94 20.40 -7.35
N LYS A 61 25.91 21.47 -6.54
CA LYS A 61 27.13 22.04 -5.97
C LYS A 61 27.79 21.08 -4.99
N GLY A 62 27.01 20.45 -4.11
CA GLY A 62 27.61 19.52 -3.16
C GLY A 62 28.27 18.32 -3.81
N VAL A 63 27.73 17.83 -4.93
CA VAL A 63 28.39 16.67 -5.56
C VAL A 63 29.68 17.11 -6.21
N GLN A 64 29.67 18.20 -6.98
CA GLN A 64 30.91 18.80 -7.46
C GLN A 64 31.93 18.91 -6.34
N TYR A 65 31.54 19.53 -5.21
CA TYR A 65 32.46 19.72 -4.08
C TYR A 65 33.05 18.40 -3.60
N LEU A 66 32.21 17.40 -3.31
CA LEU A 66 32.77 16.12 -2.86
C LEU A 66 33.66 15.46 -3.89
N ILE A 67 33.38 15.68 -5.19
CA ILE A 67 34.17 15.02 -6.23
C ILE A 67 35.53 15.72 -6.37
N GLU A 68 35.52 17.04 -6.48
CA GLU A 68 36.76 17.82 -6.57
C GLU A 68 37.75 17.58 -5.43
N ARG A 69 37.39 16.77 -4.44
CA ARG A 69 38.30 16.50 -3.34
C ARG A 69 38.50 15.00 -3.15
N GLY A 70 37.94 14.19 -4.03
CA GLY A 70 38.19 12.77 -4.00
C GLY A 70 37.48 12.11 -2.85
N PHE A 71 36.31 12.62 -2.47
CA PHE A 71 35.47 11.95 -1.49
C PHE A 71 34.52 10.96 -2.13
N VAL A 72 34.23 11.12 -3.41
CA VAL A 72 33.35 10.22 -4.17
C VAL A 72 33.82 10.26 -5.62
N PRO A 73 33.80 9.13 -6.35
CA PRO A 73 34.36 9.12 -7.72
C PRO A 73 33.54 9.92 -8.71
N ASP A 74 34.18 10.28 -9.83
CA ASP A 74 33.51 11.15 -10.81
C ASP A 74 32.76 10.34 -11.86
N THR A 75 32.27 9.15 -11.47
CA THR A 75 31.46 8.23 -12.23
C THR A 75 30.02 8.24 -11.74
N PRO A 76 29.03 8.00 -12.59
CA PRO A 76 27.66 7.93 -12.06
C PRO A 76 27.48 6.81 -11.06
N VAL A 77 28.15 5.68 -11.26
CA VAL A 77 28.04 4.57 -10.30
C VAL A 77 28.57 4.97 -8.94
N GLY A 78 29.69 5.69 -8.91
CA GLY A 78 30.27 6.06 -7.63
C GLY A 78 29.37 6.97 -6.83
N VAL A 79 28.83 8.02 -7.48
CA VAL A 79 27.87 8.90 -6.83
C VAL A 79 26.63 8.12 -6.40
N ALA A 80 26.13 7.23 -7.26
CA ALA A 80 24.99 6.40 -6.88
C ALA A 80 25.21 5.73 -5.53
N HIS A 81 26.36 5.08 -5.35
CA HIS A 81 26.56 4.33 -4.12
C HIS A 81 26.77 5.24 -2.95
N PHE A 82 27.45 6.35 -3.16
CA PHE A 82 27.55 7.40 -2.15
C PHE A 82 26.16 7.78 -1.65
N LEU A 83 25.31 8.27 -2.58
CA LEU A 83 24.01 8.82 -2.22
C LEU A 83 23.18 7.85 -1.39
N LEU A 84 23.15 6.58 -1.78
CA LEU A 84 22.32 5.60 -1.10
C LEU A 84 23.00 4.89 0.08
N GLN A 85 24.31 5.09 0.29
CA GLN A 85 25.06 4.43 1.37
C GLN A 85 25.52 5.37 2.50
N ARG A 86 25.82 6.65 2.21
CA ARG A 86 26.47 7.55 3.17
C ARG A 86 25.46 8.26 4.07
N LYS A 87 25.69 8.21 5.38
CA LYS A 87 24.86 9.04 6.25
C LYS A 87 25.28 10.50 6.13
N GLY A 88 24.39 11.38 6.56
CA GLY A 88 24.63 12.82 6.50
C GLY A 88 23.97 13.47 5.32
N LEU A 89 23.25 12.69 4.53
CA LEU A 89 22.63 13.13 3.28
C LEU A 89 21.12 13.13 3.47
N SER A 90 20.49 14.27 3.18
CA SER A 90 19.06 14.40 3.34
C SER A 90 18.33 13.62 2.25
N ARG A 91 17.27 12.90 2.62
CA ARG A 91 16.53 12.13 1.64
C ARG A 91 15.78 13.04 0.66
N GLN A 92 15.38 14.22 1.12
CA GLN A 92 14.66 15.12 0.23
C GLN A 92 15.54 15.55 -0.93
N MET A 93 16.82 15.82 -0.68
CA MET A 93 17.70 16.32 -1.75
C MET A 93 18.34 15.21 -2.56
N ILE A 94 18.49 14.02 -1.99
CA ILE A 94 18.80 12.88 -2.84
C ILE A 94 17.71 12.74 -3.89
N GLY A 95 16.46 12.99 -3.50
CA GLY A 95 15.37 12.95 -4.47
C GLY A 95 15.36 14.16 -5.38
N GLU A 96 15.78 15.31 -4.89
CA GLU A 96 15.83 16.47 -5.77
CA GLU A 96 15.85 16.48 -5.75
C GLU A 96 16.98 16.33 -6.76
N PHE A 97 18.07 15.68 -6.36
CA PHE A 97 19.20 15.48 -7.26
C PHE A 97 18.85 14.46 -8.34
N LEU A 98 18.57 13.22 -7.96
CA LEU A 98 18.16 12.18 -8.90
C LEU A 98 16.97 12.62 -9.75
N GLY A 99 16.07 13.41 -9.18
CA GLY A 99 14.87 13.86 -9.86
C GLY A 99 15.10 14.91 -10.91
N ASN A 100 16.33 15.37 -11.06
CA ASN A 100 16.67 16.31 -12.10
C ASN A 100 16.80 15.57 -13.42
N ARG A 101 15.98 15.96 -14.40
CA ARG A 101 16.01 15.31 -15.71
C ARG A 101 16.88 16.02 -16.72
N GLN A 102 17.23 17.28 -16.47
CA GLN A 102 17.99 18.04 -17.47
C GLN A 102 19.42 17.52 -17.60
N LYS A 103 20.11 17.38 -16.49
CA LYS A 103 21.51 17.04 -16.58
C LYS A 103 21.67 15.57 -16.91
N GLN A 104 22.63 15.26 -17.77
CA GLN A 104 22.81 13.88 -18.17
C GLN A 104 23.47 13.07 -17.08
N PHE A 105 24.36 13.69 -16.31
CA PHE A 105 24.94 13.01 -15.16
C PHE A 105 23.86 12.57 -14.16
N ASN A 106 22.95 13.50 -13.80
CA ASN A 106 21.87 13.16 -12.87
C ASN A 106 21.01 12.04 -13.40
N ARG A 107 20.56 12.13 -14.66
CA ARG A 107 19.92 10.99 -15.31
C ARG A 107 20.76 9.71 -15.13
N ASP A 108 22.07 9.79 -15.40
CA ASP A 108 22.89 8.58 -15.38
C ASP A 108 22.99 7.95 -13.99
N VAL A 109 22.87 8.76 -12.95
CA VAL A 109 23.00 8.22 -11.59
C VAL A 109 21.71 7.58 -11.18
N LEU A 110 20.60 8.15 -11.60
CA LEU A 110 19.32 7.53 -11.33
C LEU A 110 19.22 6.17 -12.01
N ASP A 111 19.77 6.05 -13.21
CA ASP A 111 19.78 4.74 -13.85
C ASP A 111 20.64 3.75 -13.07
N CYS A 112 21.74 4.21 -12.50
CA CYS A 112 22.54 3.30 -11.66
C CYS A 112 21.80 2.96 -10.38
N VAL A 113 21.00 3.89 -9.84
CA VAL A 113 20.31 3.60 -8.59
C VAL A 113 19.26 2.53 -8.79
N VAL A 114 18.34 2.73 -9.74
CA VAL A 114 17.29 1.74 -10.00
C VAL A 114 17.90 0.40 -10.42
N ASP A 115 18.96 0.42 -11.24
CA ASP A 115 19.58 -0.83 -11.69
C ASP A 115 20.21 -1.61 -10.55
N GLU A 116 20.39 -1.00 -9.39
CA GLU A 116 20.83 -1.72 -8.21
C GLU A 116 19.67 -2.15 -7.31
N MET A 117 18.43 -1.99 -7.76
CA MET A 117 17.30 -2.49 -7.02
C MET A 117 16.68 -3.65 -7.80
N ASP A 118 16.17 -4.63 -7.04
CA ASP A 118 15.65 -5.87 -7.60
C ASP A 118 14.17 -5.90 -7.31
N PHE A 119 13.35 -5.72 -8.34
CA PHE A 119 11.90 -5.66 -8.19
C PHE A 119 11.19 -6.94 -8.63
N SER A 120 11.95 -8.03 -8.82
CA SER A 120 11.38 -9.22 -9.43
C SER A 120 10.40 -9.91 -8.48
N THR A 121 9.31 -10.45 -9.04
CA THR A 121 8.19 -11.12 -8.38
C THR A 121 7.38 -10.19 -7.47
N MET A 122 7.58 -8.87 -7.58
CA MET A 122 6.97 -7.91 -6.68
C MET A 122 5.78 -7.25 -7.34
N GLU A 123 4.78 -6.94 -6.54
CA GLU A 123 3.72 -6.09 -7.02
C GLU A 123 4.20 -4.64 -7.02
N LEU A 124 3.57 -3.85 -7.89
CA LEU A 124 4.06 -2.48 -8.10
C LEU A 124 4.18 -1.69 -6.80
N ASP A 125 3.32 -1.96 -5.83
CA ASP A 125 3.41 -1.21 -4.58
C ASP A 125 4.54 -1.73 -3.72
N GLU A 126 4.71 -3.06 -3.67
CA GLU A 126 5.85 -3.64 -2.96
C GLU A 126 7.17 -3.10 -3.51
N ALA A 127 7.26 -2.86 -4.84
CA ALA A 127 8.48 -2.27 -5.40
C ALA A 127 8.62 -0.81 -4.96
N LEU A 128 7.52 -0.04 -5.01
CA LEU A 128 7.57 1.35 -4.57
C LEU A 128 8.01 1.46 -3.14
N ARG A 129 7.51 0.56 -2.28
CA ARG A 129 7.96 0.55 -0.90
C ARG A 129 9.48 0.48 -0.84
N LYS A 130 10.10 -0.35 -1.67
CA LYS A 130 11.55 -0.47 -1.66
C LYS A 130 12.21 0.79 -2.23
N PHE A 131 11.64 1.35 -3.30
CA PHE A 131 12.21 2.55 -3.91
C PHE A 131 12.07 3.75 -2.97
N GLN A 132 10.84 4.09 -2.56
CA GLN A 132 10.60 5.13 -1.56
C GLN A 132 11.38 4.91 -0.25
N ALA A 133 12.13 3.80 -0.11
CA ALA A 133 12.83 3.59 1.16
C ALA A 133 14.10 4.42 1.22
N HIS A 134 14.67 4.74 0.06
CA HIS A 134 15.95 5.43 -0.07
C HIS A 134 15.83 6.85 -0.58
N ILE A 135 14.81 7.11 -1.37
CA ILE A 135 14.57 8.36 -2.05
C ILE A 135 13.19 8.82 -1.64
N ARG A 136 13.07 10.05 -1.18
CA ARG A 136 11.75 10.57 -0.89
C ARG A 136 11.10 10.93 -2.23
N VAL A 137 9.98 10.29 -2.53
CA VAL A 137 9.23 10.53 -3.76
C VAL A 137 8.01 11.35 -3.35
N GLN A 138 8.11 12.65 -3.56
CA GLN A 138 7.05 13.57 -3.13
C GLN A 138 7.52 14.97 -3.46
N GLY A 139 6.63 15.82 -3.95
CA GLY A 139 7.01 17.20 -4.13
C GLY A 139 6.75 17.75 -5.51
N GLU A 140 7.70 18.48 -6.07
CA GLU A 140 7.55 19.11 -7.38
C GLU A 140 7.28 18.06 -8.45
N ALA A 141 6.16 18.23 -9.17
CA ALA A 141 5.68 17.19 -10.07
C ALA A 141 6.70 16.79 -11.12
N GLN A 142 7.51 17.73 -11.60
CA GLN A 142 8.55 17.36 -12.55
C GLN A 142 9.60 16.44 -11.93
N LYS A 143 9.78 16.50 -10.59
CA LYS A 143 10.75 15.63 -9.92
C LYS A 143 10.15 14.24 -9.69
N VAL A 144 8.91 14.21 -9.20
CA VAL A 144 8.23 12.94 -9.01
C VAL A 144 8.00 12.23 -10.34
N GLU A 145 7.85 12.98 -11.44
CA GLU A 145 7.72 12.34 -12.75
C GLU A 145 8.99 11.59 -13.08
N ARG A 146 10.13 12.27 -13.02
CA ARG A 146 11.39 11.63 -13.40
C ARG A 146 11.80 10.50 -12.44
N LEU A 147 11.48 10.60 -11.16
CA LEU A 147 11.77 9.46 -10.31
C LEU A 147 10.87 8.28 -10.65
N ILE A 148 9.55 8.50 -10.67
CA ILE A 148 8.62 7.44 -11.07
C ILE A 148 8.94 6.89 -12.47
N GLU A 149 9.27 7.76 -13.44
CA GLU A 149 9.62 7.26 -14.77
C GLU A 149 10.77 6.26 -14.69
N ALA A 150 11.84 6.63 -13.98
CA ALA A 150 12.99 5.74 -13.84
C ALA A 150 12.65 4.47 -13.06
N PHE A 151 11.77 4.58 -12.08
CA PHE A 151 11.38 3.40 -11.28
C PHE A 151 10.54 2.45 -12.11
N SER A 152 9.52 2.97 -12.80
CA SER A 152 8.68 2.12 -13.64
C SER A 152 9.49 1.38 -14.69
N GLN A 153 10.35 2.08 -15.43
CA GLN A 153 11.17 1.39 -16.41
C GLN A 153 11.89 0.21 -15.79
N ARG A 154 12.52 0.41 -14.63
CA ARG A 154 13.16 -0.71 -13.94
C ARG A 154 12.17 -1.83 -13.59
N TYR A 155 10.97 -1.47 -13.11
CA TYR A 155 9.96 -2.49 -12.80
C TYR A 155 9.62 -3.33 -14.05
N CYS A 156 9.31 -2.68 -15.17
CA CYS A 156 9.05 -3.40 -16.43
C CYS A 156 10.18 -4.39 -16.75
N ILE A 157 11.42 -3.99 -16.52
CA ILE A 157 12.54 -4.90 -16.85
C ILE A 157 12.57 -6.09 -15.89
N CYS A 158 12.18 -5.90 -14.63
CA CYS A 158 12.24 -6.99 -13.66
C CYS A 158 11.01 -7.89 -13.71
N ASN A 159 9.92 -7.46 -14.36
CA ASN A 159 8.65 -8.18 -14.37
C ASN A 159 8.00 -8.04 -15.74
N PRO A 160 8.55 -8.68 -16.77
CA PRO A 160 7.93 -8.59 -18.09
C PRO A 160 6.59 -9.30 -18.17
N GLY A 161 6.31 -10.23 -17.25
CA GLY A 161 5.01 -10.88 -17.22
C GLY A 161 3.92 -9.98 -16.69
N VAL A 162 4.25 -9.04 -15.81
CA VAL A 162 3.25 -8.08 -15.35
C VAL A 162 2.90 -7.09 -16.46
N VAL A 163 3.90 -6.58 -17.17
CA VAL A 163 3.58 -5.60 -18.21
C VAL A 163 2.71 -6.23 -19.30
N ARG A 164 2.94 -7.50 -19.65
CA ARG A 164 2.10 -8.12 -20.67
C ARG A 164 0.62 -8.11 -20.28
N GLN A 165 0.29 -8.00 -18.99
CA GLN A 165 -1.10 -7.96 -18.58
C GLN A 165 -1.77 -6.62 -18.87
N PHE A 166 -1.05 -5.65 -19.41
CA PHE A 166 -1.59 -4.31 -19.57
C PHE A 166 -1.81 -3.99 -21.03
N ARG A 167 -2.91 -3.28 -21.30
CA ARG A 167 -3.23 -2.92 -22.68
C ARG A 167 -2.20 -1.92 -23.21
N ASN A 168 -1.74 -1.01 -22.36
CA ASN A 168 -0.72 0.00 -22.63
C ASN A 168 0.33 -0.06 -21.51
N PRO A 169 1.63 -0.18 -21.82
CA PRO A 169 2.62 -0.26 -20.73
C PRO A 169 2.72 1.01 -19.92
N ASP A 170 2.50 2.18 -20.54
CA ASP A 170 2.53 3.44 -19.81
C ASP A 170 1.56 3.45 -18.64
N THR A 171 0.56 2.59 -18.64
CA THR A 171 -0.33 2.54 -17.50
C THR A 171 0.44 2.27 -16.22
N ILE A 172 1.61 1.64 -16.34
CA ILE A 172 2.41 1.34 -15.16
C ILE A 172 2.89 2.63 -14.50
N PHE A 173 3.19 3.66 -15.30
CA PHE A 173 3.57 4.96 -14.74
C PHE A 173 2.39 5.59 -14.02
N ILE A 174 1.23 5.61 -14.66
CA ILE A 174 0.03 6.19 -14.07
C ILE A 174 -0.34 5.48 -12.77
N LEU A 175 -0.26 4.15 -12.76
CA LEU A 175 -0.58 3.42 -11.56
C LEU A 175 0.44 3.72 -10.45
N ALA A 176 1.73 3.81 -10.81
CA ALA A 176 2.76 4.14 -9.84
C ALA A 176 2.48 5.50 -9.19
N PHE A 177 2.42 6.55 -10.01
CA PHE A 177 2.01 7.86 -9.53
C PHE A 177 0.75 7.78 -8.66
N ALA A 178 -0.23 6.96 -9.06
CA ALA A 178 -1.44 6.87 -8.24
C ALA A 178 -1.10 6.36 -6.85
N ILE A 179 -0.21 5.37 -6.76
CA ILE A 179 0.12 4.79 -5.46
C ILE A 179 0.78 5.84 -4.57
N ILE A 180 1.77 6.56 -5.12
CA ILE A 180 2.36 7.67 -4.38
C ILE A 180 1.27 8.57 -3.81
N LEU A 181 0.35 9.01 -4.67
CA LEU A 181 -0.66 9.99 -4.26
C LEU A 181 -1.58 9.39 -3.22
N LEU A 182 -1.96 8.14 -3.38
CA LEU A 182 -2.79 7.50 -2.36
C LEU A 182 -2.03 7.45 -1.04
N ASN A 183 -0.76 7.03 -1.09
CA ASN A 183 0.03 6.95 0.12
C ASN A 183 0.09 8.31 0.83
N THR A 184 0.28 9.39 0.07
CA THR A 184 0.35 10.72 0.67
C THR A 184 -0.93 11.04 1.41
N ASP A 185 -2.07 10.85 0.73
CA ASP A 185 -3.37 11.26 1.28
C ASP A 185 -3.77 10.35 2.43
N MET A 186 -3.65 9.03 2.26
CA MET A 186 -4.08 8.11 3.30
C MET A 186 -3.37 8.35 4.62
N TYR A 187 -2.14 8.90 4.57
CA TYR A 187 -1.22 9.05 5.72
C TYR A 187 -0.74 10.49 5.89
N SER A 188 -1.59 11.48 5.47
CA SER A 188 -1.39 12.91 5.63
C SER A 188 -2.13 13.38 6.87
N PRO A 189 -1.49 14.10 7.79
CA PRO A 189 -2.24 14.59 8.97
C PRO A 189 -3.16 15.77 8.63
N ASN A 190 -2.88 16.53 7.57
CA ASN A 190 -3.72 17.66 7.19
C ASN A 190 -5.07 17.24 6.62
N VAL A 191 -5.17 16.00 6.16
CA VAL A 191 -6.39 15.50 5.54
C VAL A 191 -7.09 14.61 6.56
N LYS A 192 -8.21 15.08 7.09
CA LYS A 192 -8.91 14.33 8.13
C LYS A 192 -9.60 13.12 7.50
N PRO A 193 -9.75 12.02 8.28
CA PRO A 193 -10.31 10.77 7.74
C PRO A 193 -11.47 10.92 6.77
N GLU A 194 -12.35 11.88 7.05
CA GLU A 194 -13.58 12.03 6.26
C GLU A 194 -13.29 12.51 4.85
N ARG A 195 -12.31 13.39 4.66
CA ARG A 195 -11.91 13.77 3.31
C ARG A 195 -10.86 12.83 2.69
N LYS A 196 -10.49 11.75 3.36
CA LYS A 196 -9.46 10.84 2.83
C LYS A 196 -10.02 9.96 1.71
N MET A 197 -9.11 9.53 0.82
CA MET A 197 -9.45 8.75 -0.37
C MET A 197 -9.82 7.33 0.03
N LYS A 198 -11.07 6.94 -0.22
CA LYS A 198 -11.54 5.61 0.12
C LYS A 198 -11.35 4.64 -1.06
N LEU A 199 -11.56 3.34 -0.80
CA LEU A 199 -11.25 2.31 -1.80
C LEU A 199 -11.85 2.61 -3.17
N GLU A 200 -13.10 3.08 -3.20
CA GLU A 200 -13.76 3.30 -4.48
C GLU A 200 -13.42 4.67 -5.05
N ASP A 201 -12.95 5.62 -4.22
CA ASP A 201 -12.38 6.86 -4.72
C ASP A 201 -11.15 6.58 -5.56
N PHE A 202 -10.25 5.77 -4.99
CA PHE A 202 -9.05 5.29 -5.66
C PHE A 202 -9.41 4.61 -6.98
N ILE A 203 -10.32 3.62 -6.91
CA ILE A 203 -10.73 2.89 -8.11
C ILE A 203 -11.34 3.83 -9.13
N LYS A 204 -12.30 4.66 -8.69
CA LYS A 204 -12.97 5.59 -9.58
C LYS A 204 -11.99 6.53 -10.28
N ASN A 205 -10.87 6.85 -9.62
CA ASN A 205 -9.92 7.78 -10.22
C ASN A 205 -9.08 7.12 -11.30
N LEU A 206 -8.84 5.82 -11.18
CA LEU A 206 -8.13 5.06 -12.18
C LEU A 206 -9.06 4.41 -13.19
N ARG A 207 -10.28 4.95 -13.33
CA ARG A 207 -11.22 4.45 -14.31
C ARG A 207 -10.77 4.81 -15.71
N GLY A 208 -10.75 3.81 -16.59
CA GLY A 208 -10.64 4.01 -18.02
C GLY A 208 -9.35 4.67 -18.45
N VAL A 209 -8.23 4.25 -17.86
CA VAL A 209 -6.94 4.84 -18.15
C VAL A 209 -6.03 3.90 -18.94
N ASP A 210 -6.27 2.59 -18.88
CA ASP A 210 -5.47 1.58 -19.59
C ASP A 210 -5.90 1.57 -21.06
N ASP A 211 -5.50 2.62 -21.78
CA ASP A 211 -5.95 2.87 -23.14
C ASP A 211 -7.45 2.64 -23.30
N GLY A 212 -8.24 3.34 -22.48
CA GLY A 212 -9.68 3.30 -22.54
C GLY A 212 -10.33 2.35 -21.54
N GLU A 213 -9.62 1.30 -21.13
CA GLU A 213 -10.17 0.27 -20.26
C GLU A 213 -9.72 0.46 -18.81
N ASP A 214 -10.56 -0.01 -17.88
CA ASP A 214 -10.23 -0.03 -16.46
C ASP A 214 -9.03 -0.95 -16.17
N ILE A 215 -8.38 -0.70 -15.04
CA ILE A 215 -7.41 -1.62 -14.47
C ILE A 215 -8.22 -2.59 -13.62
N PRO A 216 -7.89 -3.87 -13.62
CA PRO A 216 -8.68 -4.85 -12.85
C PRO A 216 -8.94 -4.47 -11.41
N ARG A 217 -10.21 -4.44 -11.00
CA ARG A 217 -10.57 -4.04 -9.64
C ARG A 217 -9.85 -4.84 -8.58
N GLU A 218 -9.54 -6.11 -8.84
CA GLU A 218 -8.88 -6.90 -7.80
C GLU A 218 -7.41 -6.58 -7.73
N MET A 219 -6.87 -6.03 -8.82
CA MET A 219 -5.51 -5.54 -8.83
C MET A 219 -5.38 -4.28 -8.00
N LEU A 220 -6.23 -3.27 -8.25
CA LEU A 220 -6.20 -2.04 -7.45
C LEU A 220 -6.60 -2.29 -6.01
N MET A 221 -7.42 -3.29 -5.72
CA MET A 221 -7.84 -3.47 -4.34
C MET A 221 -6.73 -4.05 -3.49
N GLY A 222 -5.88 -4.88 -4.09
CA GLY A 222 -4.74 -5.41 -3.35
C GLY A 222 -3.79 -4.30 -2.96
N ILE A 223 -3.45 -3.45 -3.93
CA ILE A 223 -2.62 -2.26 -3.64
C ILE A 223 -3.17 -1.51 -2.44
N TYR A 224 -4.44 -1.09 -2.52
CA TYR A 224 -5.04 -0.30 -1.45
C TYR A 224 -4.90 -1.00 -0.09
N GLU A 225 -5.18 -2.29 -0.02
CA GLU A 225 -5.08 -2.94 1.28
C GLU A 225 -3.63 -3.02 1.77
N ARG A 226 -2.69 -3.21 0.85
CA ARG A 226 -1.28 -3.29 1.24
C ARG A 226 -0.76 -1.95 1.73
N ILE A 227 -1.05 -0.87 1.00
CA ILE A 227 -0.74 0.48 1.48
C ILE A 227 -1.46 0.76 2.79
N ARG A 228 -2.76 0.43 2.87
CA ARG A 228 -3.52 0.61 4.10
C ARG A 228 -2.86 -0.15 5.26
N LYS A 229 -2.32 -1.35 5.00
CA LYS A 229 -1.73 -2.13 6.08
C LYS A 229 -0.42 -1.54 6.61
N ARG A 230 0.34 -0.83 5.76
CA ARG A 230 1.52 -0.12 6.26
C ARG A 230 2.00 0.93 5.26
N GLU A 231 2.23 2.16 5.75
CA GLU A 231 2.58 3.31 4.92
C GLU A 231 3.94 3.12 4.26
N LEU A 232 4.05 3.56 3.00
CA LEU A 232 5.36 3.63 2.36
C LEU A 232 6.19 4.69 3.09
N LYS A 233 7.11 4.27 3.93
CA LYS A 233 7.94 5.21 4.67
C LYS A 233 9.36 5.21 4.12
N THR A 234 10.00 6.37 4.21
CA THR A 234 11.38 6.56 3.82
C THR A 234 12.26 6.43 5.05
N ASN A 235 13.44 5.86 4.86
CA ASN A 235 14.31 5.67 6.00
C ASN A 235 14.62 7.01 6.64
N GLU A 236 14.91 6.95 7.95
CA GLU A 236 15.15 8.18 8.70
C GLU A 236 16.54 8.69 8.36
N ASP A 237 16.68 10.02 8.35
CA ASP A 237 17.97 10.67 8.10
C ASP A 237 18.24 11.66 9.24
N HIS A 238 19.26 12.51 9.06
CA HIS A 238 19.54 13.46 10.13
C HIS A 238 18.38 14.40 10.34
N VAL A 239 17.65 14.75 9.28
CA VAL A 239 16.51 15.66 9.43
C VAL A 239 15.47 15.07 10.37
N SER A 240 15.26 13.76 10.32
CA SER A 240 14.20 13.23 11.16
C SER A 240 14.59 13.25 12.63
N GLN A 241 15.89 13.28 12.94
CA GLN A 241 16.32 13.56 14.31
C GLN A 241 16.05 15.02 14.68
N VAL A 242 16.25 15.96 13.74
CA VAL A 242 15.98 17.37 14.06
C VAL A 242 14.49 17.60 14.22
N GLN A 243 13.67 16.74 13.60
CA GLN A 243 12.22 16.91 13.74
C GLN A 243 11.77 16.51 15.13
N LYS A 244 12.25 15.36 15.62
CA LYS A 244 11.96 14.95 16.98
C LYS A 244 12.27 16.09 17.96
N VAL A 245 13.50 16.58 17.96
CA VAL A 245 13.87 17.70 18.83
C VAL A 245 12.89 18.85 18.65
N GLU A 246 12.63 19.26 17.42
CA GLU A 246 11.82 20.46 17.23
C GLU A 246 10.39 20.26 17.71
N LYS A 247 9.91 19.02 17.73
CA LYS A 247 8.59 18.80 18.33
C LYS A 247 8.58 19.09 19.82
N LEU A 248 9.70 18.87 20.53
CA LEU A 248 9.79 18.99 21.98
C LEU A 248 10.01 20.42 22.47
N ILE A 249 10.16 21.38 21.57
CA ILE A 249 10.53 22.74 21.91
C ILE A 249 9.39 23.66 21.48
N VAL A 250 8.71 24.24 22.47
CA VAL A 250 7.61 25.19 22.23
C VAL A 250 8.18 26.61 22.17
N GLY A 251 7.56 27.46 21.34
CA GLY A 251 8.09 28.78 21.07
C GLY A 251 9.21 28.73 20.03
N LYS A 252 9.30 29.72 19.16
CA LYS A 252 10.35 29.72 18.15
C LYS A 252 10.28 31.03 17.35
N LYS A 253 11.43 31.67 17.14
CA LYS A 253 11.47 32.91 16.35
C LYS A 253 12.52 32.91 15.22
N GLY A 263 8.26 31.35 12.63
CA GLY A 263 9.25 30.32 12.32
C GLY A 263 9.48 29.40 13.49
N CYS A 264 10.71 28.90 13.67
CA CYS A 264 11.81 29.18 12.75
C CYS A 264 12.12 27.90 11.97
N VAL A 265 11.14 26.99 11.94
CA VAL A 265 11.25 25.68 11.29
C VAL A 265 12.30 24.82 11.98
N LEU A 266 13.57 25.21 11.91
CA LEU A 266 14.68 24.50 12.54
C LEU A 266 15.03 23.20 11.85
N SER A 267 14.07 22.51 11.25
CA SER A 267 14.33 21.22 10.61
C SER A 267 14.67 21.34 9.15
N LEU A 268 15.48 22.33 8.76
CA LEU A 268 15.93 22.43 7.39
C LEU A 268 16.82 21.25 6.98
N PRO A 269 16.91 20.99 5.67
CA PRO A 269 17.69 19.82 5.22
C PRO A 269 19.13 19.83 5.68
N HIS A 270 19.79 20.99 5.70
CA HIS A 270 21.23 20.97 5.95
C HIS A 270 21.57 20.85 7.42
N ARG A 271 20.57 21.05 8.29
CA ARG A 271 20.83 21.22 9.72
C ARG A 271 20.79 19.88 10.41
N ARG A 272 21.80 19.64 11.25
CA ARG A 272 22.15 18.36 11.83
C ARG A 272 22.30 18.56 13.35
N LEU A 273 21.74 17.65 14.13
CA LEU A 273 21.93 17.80 15.57
C LEU A 273 23.35 17.37 15.87
N VAL A 274 24.06 18.14 16.67
CA VAL A 274 25.47 17.87 17.00
C VAL A 274 25.63 17.43 18.45
N CYS A 275 24.92 18.08 19.37
CA CYS A 275 25.28 18.03 20.77
C CYS A 275 24.11 18.59 21.58
N TYR A 276 23.82 17.93 22.69
CA TYR A 276 22.93 18.43 23.72
C TYR A 276 23.75 18.59 25.00
N CYS A 277 23.50 19.68 25.75
CA CYS A 277 24.30 19.97 26.94
C CYS A 277 23.47 20.80 27.92
N ARG A 278 23.67 20.53 29.22
CA ARG A 278 23.02 21.27 30.31
C ARG A 278 24.06 22.18 30.95
N LEU A 279 23.85 23.50 30.84
CA LEU A 279 24.73 24.53 31.38
C LEU A 279 23.87 25.52 32.12
N PHE A 280 24.48 26.43 32.87
CA PHE A 280 23.72 27.37 33.69
C PHE A 280 24.02 28.81 33.28
N GLU A 281 23.02 29.51 32.75
CA GLU A 281 23.25 30.85 32.26
C GLU A 281 23.82 31.71 33.39
N VAL A 282 24.85 32.50 33.09
CA VAL A 282 25.41 33.42 34.05
C VAL A 282 25.09 34.83 33.57
N PRO A 283 24.04 35.44 34.10
CA PRO A 283 23.77 36.86 33.76
C PRO A 283 24.93 37.78 34.07
N ASP A 284 25.49 37.70 35.28
CA ASP A 284 26.60 38.55 35.68
C ASP A 284 27.74 37.68 36.16
N PRO A 285 28.84 37.57 35.39
CA PRO A 285 29.96 36.73 35.80
C PRO A 285 30.81 37.34 36.90
N ASN A 286 30.44 38.54 37.35
CA ASN A 286 31.13 39.30 38.39
C ASN A 286 30.36 39.30 39.71
N LYS A 287 29.19 38.67 39.75
CA LYS A 287 28.36 38.44 40.91
C LYS A 287 28.12 36.94 41.07
N PRO A 288 27.94 36.46 42.29
CA PRO A 288 27.74 35.03 42.52
C PRO A 288 26.27 34.67 42.45
N GLN A 289 26.01 33.37 42.41
CA GLN A 289 24.66 32.92 42.17
C GLN A 289 24.55 31.46 42.54
N LYS A 290 23.34 31.05 42.86
CA LYS A 290 23.13 29.77 43.53
C LYS A 290 23.29 28.62 42.54
N LEU A 291 23.89 27.54 43.00
CA LEU A 291 24.49 26.54 42.12
C LEU A 291 23.52 25.94 41.10
N GLY A 292 22.22 25.95 41.37
CA GLY A 292 21.29 25.43 40.39
C GLY A 292 20.46 26.45 39.64
N LEU A 293 20.69 27.73 39.87
CA LEU A 293 19.88 28.76 39.25
C LEU A 293 20.07 28.77 37.74
N HIS A 294 19.10 29.32 37.02
CA HIS A 294 19.14 29.49 35.58
C HIS A 294 19.53 28.29 34.75
N GLN A 295 19.09 27.11 35.11
CA GLN A 295 19.48 25.91 34.37
C GLN A 295 18.89 25.93 32.96
N ARG A 296 19.75 25.80 31.96
CA ARG A 296 19.31 25.79 30.57
C ARG A 296 19.86 24.62 29.74
N GLU A 297 18.97 23.98 28.98
CA GLU A 297 19.32 22.86 28.11
C GLU A 297 19.63 23.41 26.73
N ILE A 298 20.81 23.06 26.21
CA ILE A 298 21.41 23.69 25.03
C ILE A 298 21.46 22.66 23.91
N PHE A 299 20.86 22.98 22.79
CA PHE A 299 20.95 22.13 21.61
C PHE A 299 21.87 22.79 20.58
N LEU A 300 22.99 22.16 20.26
CA LEU A 300 23.92 22.71 19.29
C LEU A 300 23.75 21.99 17.97
N PHE A 301 23.28 22.69 16.95
CA PHE A 301 23.17 22.16 15.59
C PHE A 301 24.40 22.60 14.81
N ASN A 302 24.63 21.97 13.66
CA ASN A 302 25.87 22.26 12.94
C ASN A 302 25.98 23.71 12.47
N ASP A 303 24.93 24.53 12.53
CA ASP A 303 25.06 25.94 12.17
C ASP A 303 24.30 26.89 13.08
N LEU A 304 23.77 26.43 14.20
CA LEU A 304 22.93 27.22 15.08
C LEU A 304 23.04 26.65 16.48
N LEU A 305 23.15 27.53 17.47
CA LEU A 305 23.07 27.14 18.88
C LEU A 305 21.73 27.59 19.42
N VAL A 306 20.98 26.66 20.01
CA VAL A 306 19.64 26.94 20.52
C VAL A 306 19.67 26.81 22.04
N VAL A 307 19.18 27.84 22.73
CA VAL A 307 19.17 27.88 24.19
C VAL A 307 17.73 27.70 24.68
N THR A 308 17.52 26.76 25.60
CA THR A 308 16.18 26.45 26.08
C THR A 308 16.19 26.20 27.57
N LYS A 309 15.00 26.16 28.14
CA LYS A 309 14.77 25.84 29.53
C LYS A 309 13.74 24.74 29.58
N ILE A 310 13.83 23.83 30.53
CA ILE A 310 12.84 22.76 30.66
C ILE A 310 11.48 23.33 31.04
N PHE A 311 10.44 22.93 30.30
CA PHE A 311 9.06 23.37 30.46
C PHE A 311 8.26 22.44 31.37
N GLN A 312 8.31 21.13 31.12
CA GLN A 312 7.60 20.17 31.94
C GLN A 312 8.36 18.86 31.89
N LYS A 313 8.74 18.34 33.05
CA LYS A 313 9.48 17.09 33.13
C LYS A 313 8.54 15.98 33.62
N LYS A 314 8.81 14.75 33.21
CA LYS A 314 8.00 13.59 33.58
C LYS A 314 8.75 12.32 33.21
N LYS A 315 8.08 11.17 33.27
CA LYS A 315 8.70 9.86 33.07
C LYS A 315 9.09 9.61 31.61
N ASN A 316 10.35 9.91 31.26
CA ASN A 316 10.86 9.84 29.89
C ASN A 316 10.03 10.69 28.91
N SER A 317 9.62 11.89 29.35
CA SER A 317 8.88 12.82 28.49
C SER A 317 9.10 14.24 29.00
N VAL A 318 9.94 15.01 28.28
CA VAL A 318 10.31 16.37 28.67
C VAL A 318 10.00 17.32 27.51
N THR A 319 9.43 18.47 27.84
CA THR A 319 9.31 19.60 26.92
C THR A 319 10.30 20.69 27.33
N TYR A 320 10.56 21.60 26.39
CA TYR A 320 11.54 22.67 26.56
C TYR A 320 10.90 23.93 26.04
N SER A 321 11.15 25.04 26.73
CA SER A 321 10.67 26.35 26.29
C SER A 321 11.81 27.03 25.56
N PHE A 322 11.58 27.44 24.32
CA PHE A 322 12.63 28.07 23.54
C PHE A 322 12.92 29.42 24.13
N ARG A 323 14.18 29.74 24.36
CA ARG A 323 14.56 31.02 24.89
C ARG A 323 15.26 31.89 23.88
N GLN A 324 16.31 31.40 23.25
CA GLN A 324 16.97 32.19 22.22
C GLN A 324 17.88 31.25 21.46
N SER A 325 18.18 31.63 20.23
CA SER A 325 19.13 30.90 19.43
C SER A 325 20.14 31.88 18.88
N PHE A 326 21.36 31.39 18.66
CA PHE A 326 22.45 32.19 18.11
C PHE A 326 23.01 31.53 16.85
N SER A 327 23.38 32.38 15.89
CA SER A 327 24.08 31.97 14.69
C SER A 327 25.57 31.77 15.00
N LEU A 328 26.16 30.70 14.43
CA LEU A 328 27.59 30.49 14.64
C LEU A 328 28.46 31.34 13.75
N TYR A 329 27.91 32.20 12.92
CA TYR A 329 28.78 32.96 12.02
C TYR A 329 29.35 34.14 12.78
N GLY A 330 30.66 34.18 12.94
CA GLY A 330 31.24 35.28 13.68
C GLY A 330 31.29 35.09 15.18
N MET A 331 30.93 33.91 15.68
CA MET A 331 30.97 33.59 17.10
C MET A 331 32.39 33.24 17.51
N GLN A 332 32.79 33.68 18.69
CA GLN A 332 33.99 33.16 19.34
C GLN A 332 33.58 32.57 20.68
N VAL A 333 34.31 31.54 21.10
CA VAL A 333 34.05 30.79 22.32
C VAL A 333 35.19 31.05 23.31
N LEU A 334 34.91 31.75 24.40
CA LEU A 334 35.92 32.03 25.42
C LEU A 334 35.64 31.27 26.71
N LEU A 335 36.71 30.87 27.39
CA LEU A 335 36.65 30.22 28.69
C LEU A 335 36.91 31.25 29.80
N PHE A 336 36.23 31.13 30.91
CA PHE A 336 36.61 32.04 31.98
C PHE A 336 36.51 31.33 33.33
N GLU A 337 37.44 31.68 34.19
CA GLU A 337 37.59 31.12 35.52
C GLU A 337 37.77 32.30 36.44
N ASN A 338 36.93 32.44 37.46
CA ASN A 338 37.17 33.50 38.41
C ASN A 338 36.69 33.07 39.81
N GLN A 339 36.62 34.08 40.69
CA GLN A 339 36.28 33.86 42.08
C GLN A 339 35.03 33.02 42.22
N TYR A 340 34.01 33.31 41.41
CA TYR A 340 32.68 32.69 41.57
C TYR A 340 32.35 31.60 40.56
N TYR A 341 33.04 31.49 39.43
CA TYR A 341 32.67 30.52 38.40
C TYR A 341 33.94 29.79 37.99
N PRO A 342 33.98 28.51 38.12
CA PRO A 342 35.23 27.79 37.86
C PRO A 342 35.23 27.16 36.49
N ASN A 343 34.07 27.07 35.86
CA ASN A 343 33.92 26.48 34.54
C ASN A 343 33.08 27.37 33.67
N GLY A 344 33.45 28.64 33.63
CA GLY A 344 32.68 29.59 32.86
C GLY A 344 32.94 29.43 31.37
N ILE A 345 31.94 29.84 30.58
CA ILE A 345 32.00 29.92 29.13
C ILE A 345 31.39 31.25 28.74
N ARG A 346 32.10 32.02 27.92
CA ARG A 346 31.58 33.28 27.44
C ARG A 346 31.54 33.21 25.93
N LEU A 347 30.42 33.60 25.33
CA LEU A 347 30.28 33.56 23.87
C LEU A 347 30.12 34.97 23.36
N THR A 348 30.75 35.25 22.22
CA THR A 348 31.03 36.57 21.71
C THR A 348 30.72 36.62 20.22
N SER A 349 30.37 37.80 19.72
CA SER A 349 30.02 37.95 18.30
C SER A 349 30.89 39.05 17.67
N SER A 350 32.04 38.64 17.13
CA SER A 350 32.93 39.55 16.42
C SER A 350 32.47 39.58 14.96
N VAL A 351 31.88 40.70 14.55
CA VAL A 351 31.47 40.87 13.16
C VAL A 351 31.39 42.36 12.78
N ALA A 354 31.43 46.44 12.64
CA ALA A 354 30.62 46.27 13.86
C ALA A 354 31.47 45.76 15.01
N ASP A 355 31.26 46.32 16.20
CA ASP A 355 32.14 45.99 17.31
C ASP A 355 31.77 44.65 17.94
N ILE A 356 32.62 44.20 18.85
CA ILE A 356 32.43 42.87 19.42
C ILE A 356 31.26 42.91 20.40
N LYS A 357 30.43 41.87 20.36
CA LYS A 357 29.24 41.78 21.18
C LYS A 357 29.35 40.57 22.10
N VAL A 358 28.86 40.73 23.32
CA VAL A 358 28.78 39.63 24.27
C VAL A 358 27.40 39.01 24.09
N LEU A 359 27.35 37.78 23.56
CA LEU A 359 26.06 37.14 23.40
C LEU A 359 25.52 36.63 24.73
N ILE A 360 26.27 35.75 25.40
CA ILE A 360 25.76 35.00 26.54
C ILE A 360 26.94 34.44 27.35
N ASN A 361 26.74 34.30 28.66
CA ASN A 361 27.71 33.64 29.55
C ASN A 361 27.06 32.43 30.21
N PHE A 362 27.76 31.29 30.23
CA PHE A 362 27.31 30.12 30.97
C PHE A 362 28.32 29.71 32.04
N ASN A 363 27.95 28.69 32.81
CA ASN A 363 28.89 27.96 33.64
C ASN A 363 28.50 26.50 33.58
N ALA A 364 29.44 25.65 33.23
CA ALA A 364 29.08 24.27 33.05
C ALA A 364 29.15 23.54 34.39
N PRO A 365 28.58 22.34 34.50
CA PRO A 365 28.62 21.64 35.80
C PRO A 365 30.02 21.26 36.19
N ASN A 366 30.83 20.88 35.23
CA ASN A 366 32.16 20.38 35.54
C ASN A 366 33.04 20.70 34.37
N PRO A 367 34.36 20.70 34.55
CA PRO A 367 35.25 21.09 33.46
C PRO A 367 35.31 20.09 32.31
N GLN A 368 34.84 18.86 32.49
CA GLN A 368 34.80 17.93 31.36
C GLN A 368 33.69 18.34 30.40
N ASP A 369 32.50 18.56 30.92
CA ASP A 369 31.41 19.10 30.11
C ASP A 369 31.84 20.37 29.36
N ARG A 370 32.42 21.35 30.07
CA ARG A 370 32.90 22.54 29.39
C ARG A 370 33.88 22.18 28.24
N LYS A 371 34.76 21.18 28.43
CA LYS A 371 35.71 20.92 27.34
C LYS A 371 35.07 20.18 26.17
N LYS A 372 34.11 19.29 26.44
CA LYS A 372 33.36 18.66 25.35
C LYS A 372 32.49 19.69 24.61
N PHE A 373 31.72 20.49 25.36
CA PHE A 373 30.86 21.48 24.73
C PHE A 373 31.65 22.49 23.88
N THR A 374 32.65 23.14 24.49
CA THR A 374 33.35 24.23 23.81
C THR A 374 34.18 23.72 22.63
N ASP A 375 34.56 22.45 22.62
CA ASP A 375 35.27 21.90 21.46
C ASP A 375 34.32 21.63 20.31
N ASP A 376 33.17 20.99 20.60
CA ASP A 376 32.16 20.77 19.57
C ASP A 376 31.67 22.07 18.95
N LEU A 377 31.42 23.07 19.79
CA LEU A 377 30.91 24.35 19.30
C LEU A 377 31.97 25.05 18.47
N ARG A 378 33.23 24.90 18.87
CA ARG A 378 34.32 25.59 18.20
C ARG A 378 34.58 25.00 16.82
N GLU A 379 34.44 23.68 16.67
CA GLU A 379 34.56 23.06 15.36
C GLU A 379 33.35 23.36 14.48
N SER A 380 32.14 23.43 15.05
CA SER A 380 31.00 23.85 14.25
C SER A 380 31.22 25.26 13.73
N ILE A 381 31.71 26.16 14.59
CA ILE A 381 32.00 27.55 14.21
C ILE A 381 33.01 27.58 13.07
N ALA A 382 34.02 26.73 13.12
CA ALA A 382 34.96 26.62 12.02
C ALA A 382 34.28 26.08 10.77
N GLU A 383 33.49 25.01 10.92
CA GLU A 383 32.76 24.46 9.78
C GLU A 383 31.94 25.54 9.09
N VAL A 384 31.25 26.38 9.87
CA VAL A 384 30.43 27.46 9.32
C VAL A 384 31.28 28.56 8.71
N GLN A 385 32.50 28.79 9.23
CA GLN A 385 33.34 29.84 8.66
C GLN A 385 33.76 29.49 7.24
N GLU A 386 34.22 28.25 7.04
CA GLU A 386 34.56 27.79 5.69
C GLU A 386 33.35 27.68 4.78
N MET A 387 32.14 27.55 5.31
CA MET A 387 30.96 27.53 4.45
C MET A 387 30.73 28.89 3.80
N GLU A 388 30.85 29.98 4.58
CA GLU A 388 30.72 31.31 3.98
C GLU A 388 31.97 31.70 3.19
N LYS A 389 33.16 31.41 3.72
CA LYS A 389 34.36 31.63 2.93
C LYS A 389 34.24 30.97 1.58
N HIS A 390 33.56 29.82 1.50
CA HIS A 390 33.29 29.22 0.21
C HIS A 390 32.11 29.92 -0.47
N ARG A 391 31.15 30.41 0.32
CA ARG A 391 29.95 30.98 -0.29
C ARG A 391 30.19 32.34 -0.92
N ILE A 392 31.28 33.02 -0.57
CA ILE A 392 31.66 34.22 -1.30
C ILE A 392 32.35 33.79 -2.59
N GLU A 393 31.74 32.82 -3.25
CA GLU A 393 32.00 32.46 -4.64
C GLU A 393 31.15 33.27 -5.61
N SER A 394 30.26 34.14 -5.10
CA SER A 394 29.39 34.94 -5.96
C SER A 394 30.17 35.86 -6.89
N GLU A 395 31.51 35.91 -6.75
CA GLU A 395 32.35 36.64 -7.70
C GLU A 395 32.37 35.97 -9.06
N LEU A 396 32.24 34.65 -9.11
CA LEU A 396 32.13 33.93 -10.36
C LEU A 396 30.69 33.79 -10.86
N GLU A 397 29.70 34.25 -10.07
CA GLU A 397 28.31 34.26 -10.49
C GLU A 397 27.85 35.61 -11.03
N LYS A 398 28.51 36.70 -10.63
CA LYS A 398 28.27 38.02 -11.18
C LYS A 398 29.20 38.36 -12.36
N GLN A 399 29.67 37.36 -13.11
CA GLN A 399 30.58 37.58 -14.25
C GLN A 399 31.81 38.38 -13.84
N ASN B 40 -23.49 -34.85 6.92
CA ASN B 40 -23.49 -35.79 8.04
C ASN B 40 -24.31 -35.27 9.22
N ASP B 41 -23.75 -34.33 9.97
CA ASP B 41 -24.33 -33.91 11.24
C ASP B 41 -24.65 -32.41 11.19
N VAL B 42 -25.49 -31.97 12.13
CA VAL B 42 -25.81 -30.55 12.23
C VAL B 42 -24.57 -29.74 12.59
N ILE B 43 -23.90 -30.11 13.68
CA ILE B 43 -22.72 -29.38 14.11
C ILE B 43 -21.58 -29.55 13.13
N ARG B 44 -21.42 -30.77 12.61
CA ARG B 44 -20.32 -31.02 11.71
C ARG B 44 -20.52 -30.33 10.37
N LYS B 45 -21.76 -30.32 9.84
CA LYS B 45 -21.99 -29.58 8.60
C LYS B 45 -21.75 -28.09 8.79
N ARG B 46 -22.07 -27.57 9.98
CA ARG B 46 -21.84 -26.14 10.25
C ARG B 46 -20.35 -25.81 10.15
N HIS B 47 -19.48 -26.67 10.69
CA HIS B 47 -18.03 -26.41 10.65
C HIS B 47 -17.41 -26.65 9.29
N TYR B 48 -18.04 -27.45 8.43
CA TYR B 48 -17.60 -27.47 7.05
C TYR B 48 -17.92 -26.14 6.38
N ARG B 49 -19.13 -25.61 6.63
CA ARG B 49 -19.45 -24.32 6.04
C ARG B 49 -18.58 -23.20 6.62
N ILE B 50 -18.23 -23.29 7.90
CA ILE B 50 -17.26 -22.34 8.45
C ILE B 50 -15.93 -22.48 7.73
N GLY B 51 -15.54 -23.70 7.38
CA GLY B 51 -14.31 -23.90 6.64
C GLY B 51 -14.33 -23.27 5.26
N LEU B 52 -15.46 -23.36 4.56
CA LEU B 52 -15.61 -22.68 3.28
C LEU B 52 -15.57 -21.16 3.44
N ASN B 53 -16.09 -20.66 4.56
CA ASN B 53 -16.12 -19.20 4.74
C ASN B 53 -14.73 -18.65 4.94
N LEU B 54 -13.93 -19.33 5.77
CA LEU B 54 -12.54 -18.91 5.95
C LEU B 54 -11.80 -18.89 4.61
N PHE B 55 -11.79 -20.00 3.89
CA PHE B 55 -11.19 -19.99 2.56
C PHE B 55 -11.63 -18.76 1.76
N ASN B 56 -12.91 -18.45 1.82
CA ASN B 56 -13.42 -17.34 1.03
C ASN B 56 -13.03 -15.96 1.57
N LYS B 57 -12.40 -15.91 2.74
CA LYS B 57 -11.80 -14.69 3.26
C LYS B 57 -10.28 -14.71 3.19
N LYS B 58 -9.64 -15.78 3.68
CA LYS B 58 -8.19 -15.99 3.56
C LYS B 58 -7.95 -17.44 3.15
N PRO B 59 -7.77 -17.70 1.84
CA PRO B 59 -7.59 -19.09 1.39
C PRO B 59 -6.64 -19.94 2.24
N GLU B 60 -5.44 -19.43 2.53
CA GLU B 60 -4.48 -20.20 3.30
C GLU B 60 -5.00 -20.54 4.71
N LYS B 61 -5.91 -19.75 5.26
CA LYS B 61 -6.44 -20.02 6.59
C LYS B 61 -7.64 -20.96 6.56
N GLY B 62 -8.41 -20.93 5.48
CA GLY B 62 -9.50 -21.88 5.34
C GLY B 62 -8.99 -23.27 5.05
N VAL B 63 -8.21 -23.42 3.98
CA VAL B 63 -7.50 -24.67 3.73
C VAL B 63 -6.87 -25.22 5.02
N GLN B 64 -6.30 -24.35 5.85
CA GLN B 64 -5.73 -24.84 7.10
C GLN B 64 -6.83 -25.34 8.04
N TYR B 65 -8.03 -24.76 7.95
CA TYR B 65 -9.14 -25.20 8.81
C TYR B 65 -9.68 -26.54 8.36
N LEU B 66 -9.99 -26.67 7.08
CA LEU B 66 -10.50 -27.92 6.53
C LEU B 66 -9.57 -29.08 6.82
N ILE B 67 -8.27 -28.90 6.62
CA ILE B 67 -7.31 -29.99 6.82
C ILE B 67 -7.32 -30.46 8.27
N GLU B 68 -7.10 -29.52 9.20
CA GLU B 68 -6.99 -29.84 10.62
C GLU B 68 -8.27 -30.38 11.24
N ARG B 69 -9.34 -30.52 10.47
CA ARG B 69 -10.62 -31.00 10.98
C ARG B 69 -11.13 -32.22 10.21
N GLY B 70 -10.45 -32.64 9.16
CA GLY B 70 -10.80 -33.85 8.47
C GLY B 70 -11.74 -33.69 7.30
N PHE B 71 -11.86 -32.50 6.73
CA PHE B 71 -12.71 -32.39 5.55
C PHE B 71 -11.91 -32.50 4.28
N VAL B 72 -10.59 -32.61 4.38
CA VAL B 72 -9.72 -32.66 3.20
C VAL B 72 -8.37 -33.19 3.64
N PRO B 73 -7.67 -33.96 2.80
CA PRO B 73 -6.41 -34.56 3.24
C PRO B 73 -5.26 -33.59 3.20
N ASP B 74 -4.31 -33.81 4.11
CA ASP B 74 -3.13 -32.96 4.24
C ASP B 74 -2.15 -33.23 3.10
N THR B 75 -2.64 -33.29 1.86
CA THR B 75 -1.77 -33.53 0.73
C THR B 75 -2.05 -32.51 -0.37
N PRO B 76 -1.03 -32.18 -1.17
CA PRO B 76 -1.26 -31.33 -2.35
C PRO B 76 -2.26 -31.91 -3.32
N VAL B 77 -2.38 -33.22 -3.40
CA VAL B 77 -3.33 -33.81 -4.35
C VAL B 77 -4.75 -33.69 -3.84
N GLY B 78 -4.97 -34.06 -2.58
CA GLY B 78 -6.33 -34.03 -2.06
C GLY B 78 -6.88 -32.62 -1.97
N VAL B 79 -6.03 -31.67 -1.57
CA VAL B 79 -6.44 -30.25 -1.58
C VAL B 79 -6.77 -29.80 -2.99
N ALA B 80 -5.99 -30.23 -3.98
CA ALA B 80 -6.25 -29.76 -5.34
C ALA B 80 -7.56 -30.29 -5.90
N HIS B 81 -7.97 -31.47 -5.48
CA HIS B 81 -9.26 -31.98 -5.95
C HIS B 81 -10.41 -31.31 -5.24
N PHE B 82 -10.24 -31.09 -3.95
CA PHE B 82 -11.20 -30.33 -3.17
C PHE B 82 -11.60 -29.02 -3.87
N LEU B 83 -10.63 -28.28 -4.38
CA LEU B 83 -10.94 -26.96 -4.93
C LEU B 83 -11.70 -27.06 -6.24
N LEU B 84 -11.35 -28.00 -7.10
CA LEU B 84 -12.06 -28.16 -8.37
C LEU B 84 -13.41 -28.84 -8.20
N GLN B 85 -13.53 -29.74 -7.23
CA GLN B 85 -14.72 -30.57 -7.14
C GLN B 85 -15.78 -29.95 -6.22
N ARG B 86 -15.42 -29.60 -4.99
CA ARG B 86 -16.41 -29.14 -4.03
C ARG B 86 -16.92 -27.75 -4.38
N LYS B 87 -18.10 -27.44 -3.85
CA LYS B 87 -18.78 -26.18 -4.05
C LYS B 87 -18.88 -25.46 -2.71
N GLY B 88 -19.20 -24.17 -2.79
CA GLY B 88 -19.03 -23.27 -1.68
C GLY B 88 -17.69 -22.57 -1.62
N LEU B 89 -16.86 -22.69 -2.67
CA LEU B 89 -15.59 -22.00 -2.77
C LEU B 89 -15.70 -20.93 -3.84
N SER B 90 -15.09 -19.77 -3.59
CA SER B 90 -15.12 -18.67 -4.57
C SER B 90 -14.08 -18.91 -5.65
N ARG B 91 -14.51 -18.80 -6.91
CA ARG B 91 -13.56 -18.89 -8.01
C ARG B 91 -12.43 -17.89 -7.88
N GLN B 92 -12.72 -16.74 -7.26
CA GLN B 92 -11.69 -15.72 -7.02
C GLN B 92 -10.65 -16.23 -6.04
N MET B 93 -11.06 -16.71 -4.86
CA MET B 93 -10.08 -17.19 -3.89
C MET B 93 -9.35 -18.45 -4.37
N ILE B 94 -9.94 -19.23 -5.26
CA ILE B 94 -9.18 -20.34 -5.83
C ILE B 94 -8.00 -19.82 -6.62
N GLY B 95 -8.20 -18.74 -7.38
CA GLY B 95 -7.09 -18.12 -8.09
C GLY B 95 -6.05 -17.55 -7.14
N GLU B 96 -6.50 -16.88 -6.07
CA GLU B 96 -5.56 -16.34 -5.08
C GLU B 96 -4.76 -17.44 -4.35
N PHE B 97 -5.35 -18.60 -4.12
CA PHE B 97 -4.60 -19.68 -3.48
C PHE B 97 -3.57 -20.28 -4.44
N LEU B 98 -4.00 -20.63 -5.65
CA LEU B 98 -3.10 -21.26 -6.60
C LEU B 98 -2.03 -20.31 -7.12
N GLY B 99 -2.41 -19.08 -7.45
CA GLY B 99 -1.46 -18.14 -8.04
C GLY B 99 -0.33 -17.71 -7.11
N ASN B 100 -0.39 -18.11 -5.85
CA ASN B 100 0.64 -17.76 -4.89
C ASN B 100 1.92 -18.52 -5.21
N ARG B 101 3.06 -17.83 -5.19
CA ARG B 101 4.35 -18.46 -5.40
C ARG B 101 5.25 -18.42 -4.16
N GLN B 102 4.85 -17.74 -3.09
CA GLN B 102 5.73 -17.67 -1.92
C GLN B 102 5.63 -18.91 -1.05
N LYS B 103 4.48 -19.59 -1.05
CA LYS B 103 4.22 -20.75 -0.20
C LYS B 103 4.46 -22.02 -1.01
N GLN B 104 5.19 -22.97 -0.41
CA GLN B 104 5.49 -24.21 -1.12
C GLN B 104 4.23 -25.01 -1.40
N PHE B 105 3.34 -25.08 -0.41
CA PHE B 105 2.13 -25.88 -0.54
C PHE B 105 1.26 -25.41 -1.69
N ASN B 106 1.05 -24.10 -1.81
CA ASN B 106 0.25 -23.59 -2.93
C ASN B 106 0.90 -23.93 -4.27
N ARG B 107 2.24 -23.95 -4.30
CA ARG B 107 2.95 -24.36 -5.51
C ARG B 107 2.65 -25.82 -5.84
N ASP B 108 2.77 -26.71 -4.85
CA ASP B 108 2.48 -28.12 -5.10
C ASP B 108 1.01 -28.32 -5.45
N VAL B 109 0.11 -27.66 -4.74
CA VAL B 109 -1.31 -27.77 -5.06
C VAL B 109 -1.57 -27.33 -6.48
N LEU B 110 -0.91 -26.26 -6.94
CA LEU B 110 -1.17 -25.78 -8.28
C LEU B 110 -0.64 -26.76 -9.32
N ASP B 111 0.55 -27.33 -9.07
CA ASP B 111 1.06 -28.41 -9.93
C ASP B 111 0.01 -29.49 -10.17
N CYS B 112 -0.65 -29.95 -9.09
CA CYS B 112 -1.62 -31.02 -9.27
C CYS B 112 -2.78 -30.57 -10.14
N VAL B 113 -3.12 -29.28 -10.10
CA VAL B 113 -4.31 -28.83 -10.81
C VAL B 113 -4.08 -28.81 -12.32
N VAL B 114 -2.87 -28.45 -12.74
CA VAL B 114 -2.57 -28.52 -14.17
C VAL B 114 -2.29 -29.96 -14.59
N ASP B 115 -1.61 -30.73 -13.74
CA ASP B 115 -1.27 -32.10 -14.10
C ASP B 115 -2.48 -32.99 -14.18
N GLU B 116 -3.63 -32.53 -13.69
CA GLU B 116 -4.87 -33.27 -13.78
C GLU B 116 -5.76 -32.78 -14.93
N MET B 117 -5.16 -32.19 -15.97
CA MET B 117 -5.88 -31.67 -17.13
C MET B 117 -5.16 -32.07 -18.41
N ASP B 118 -5.92 -32.44 -19.44
CA ASP B 118 -5.39 -32.89 -20.72
C ASP B 118 -5.54 -31.76 -21.72
N PHE B 119 -4.43 -31.19 -22.17
CA PHE B 119 -4.45 -30.10 -23.14
C PHE B 119 -4.03 -30.54 -24.53
N SER B 120 -4.07 -31.84 -24.82
CA SER B 120 -3.65 -32.32 -26.13
C SER B 120 -4.79 -32.14 -27.15
N THR B 121 -4.39 -32.12 -28.43
CA THR B 121 -5.25 -31.87 -29.59
C THR B 121 -5.78 -30.44 -29.65
N MET B 122 -6.04 -29.82 -28.49
CA MET B 122 -6.65 -28.50 -28.46
C MET B 122 -5.70 -27.44 -29.00
N GLU B 123 -6.29 -26.31 -29.42
CA GLU B 123 -5.55 -25.20 -30.00
C GLU B 123 -4.68 -24.54 -28.93
N LEU B 124 -5.25 -23.57 -28.22
CA LEU B 124 -4.59 -22.88 -27.13
C LEU B 124 -5.65 -22.06 -26.40
N ASP B 125 -6.50 -21.39 -27.19
CA ASP B 125 -7.65 -20.71 -26.59
C ASP B 125 -8.69 -21.70 -26.12
N GLU B 126 -8.81 -22.86 -26.77
CA GLU B 126 -9.70 -23.89 -26.23
C GLU B 126 -9.07 -24.54 -24.98
N ALA B 127 -7.73 -24.67 -24.96
CA ALA B 127 -7.08 -25.17 -23.76
C ALA B 127 -7.25 -24.20 -22.59
N LEU B 128 -7.14 -22.89 -22.87
CA LEU B 128 -7.32 -21.88 -21.83
C LEU B 128 -8.77 -21.79 -21.38
N ARG B 129 -9.72 -22.08 -22.27
CA ARG B 129 -11.13 -22.08 -21.88
C ARG B 129 -11.39 -23.11 -20.78
N LYS B 130 -10.71 -24.27 -20.85
CA LYS B 130 -10.82 -25.27 -19.79
C LYS B 130 -10.27 -24.73 -18.47
N PHE B 131 -9.11 -24.08 -18.55
CA PHE B 131 -8.47 -23.48 -17.38
C PHE B 131 -9.30 -22.33 -16.81
N GLN B 132 -9.78 -21.44 -17.69
CA GLN B 132 -10.52 -20.27 -17.24
C GLN B 132 -11.81 -20.64 -16.51
N ALA B 133 -12.40 -21.79 -16.84
CA ALA B 133 -13.66 -22.18 -16.22
C ALA B 133 -13.45 -22.66 -14.78
N HIS B 134 -12.39 -23.42 -14.53
CA HIS B 134 -12.13 -23.89 -13.18
C HIS B 134 -11.71 -22.76 -12.24
N ILE B 135 -10.70 -22.00 -12.65
CA ILE B 135 -10.05 -20.99 -11.84
C ILE B 135 -10.21 -19.64 -12.54
N ARG B 136 -10.53 -18.61 -11.77
CA ARG B 136 -10.74 -17.26 -12.32
C ARG B 136 -9.40 -16.53 -12.46
N VAL B 137 -9.08 -16.05 -13.66
CA VAL B 137 -7.76 -15.53 -13.97
C VAL B 137 -7.76 -14.00 -14.09
N GLN B 138 -8.60 -13.34 -13.30
CA GLN B 138 -8.56 -11.90 -13.13
C GLN B 138 -8.16 -11.71 -11.66
N GLY B 139 -6.87 -11.51 -11.42
CA GLY B 139 -6.44 -11.34 -10.05
C GLY B 139 -5.36 -10.31 -9.95
N GLU B 140 -4.55 -10.38 -8.90
CA GLU B 140 -3.40 -9.51 -8.81
C GLU B 140 -2.36 -9.95 -9.82
N ALA B 141 -1.69 -8.95 -10.42
CA ALA B 141 -0.81 -9.19 -11.56
C ALA B 141 0.17 -10.35 -11.36
N GLN B 142 0.82 -10.43 -10.20
CA GLN B 142 1.81 -11.48 -9.99
C GLN B 142 1.19 -12.83 -9.67
N LYS B 143 -0.12 -12.89 -9.44
CA LYS B 143 -0.76 -14.18 -9.29
C LYS B 143 -1.27 -14.68 -10.64
N VAL B 144 -1.86 -13.79 -11.44
CA VAL B 144 -2.16 -14.15 -12.83
C VAL B 144 -0.91 -14.59 -13.55
N GLU B 145 0.20 -13.92 -13.30
CA GLU B 145 1.44 -14.24 -13.98
C GLU B 145 1.87 -15.67 -13.66
N ARG B 146 1.72 -16.08 -12.40
CA ARG B 146 2.09 -17.44 -12.02
C ARG B 146 1.08 -18.45 -12.53
N LEU B 147 -0.21 -18.07 -12.56
CA LEU B 147 -1.25 -18.99 -13.02
C LEU B 147 -1.09 -19.31 -14.49
N ILE B 148 -0.83 -18.31 -15.32
CA ILE B 148 -0.52 -18.56 -16.73
C ILE B 148 0.84 -19.22 -16.88
N GLU B 149 1.76 -18.97 -15.95
CA GLU B 149 3.06 -19.62 -16.01
C GLU B 149 2.93 -21.14 -15.91
N ALA B 150 2.01 -21.62 -15.07
CA ALA B 150 1.80 -23.06 -14.96
C ALA B 150 0.93 -23.60 -16.09
N PHE B 151 -0.05 -22.81 -16.53
CA PHE B 151 -0.90 -23.20 -17.65
C PHE B 151 -0.08 -23.36 -18.92
N SER B 152 0.86 -22.44 -19.16
CA SER B 152 1.66 -22.56 -20.36
C SER B 152 2.67 -23.71 -20.28
N GLN B 153 3.12 -24.07 -19.08
CA GLN B 153 4.06 -25.19 -18.97
C GLN B 153 3.40 -26.51 -19.29
N ARG B 154 2.26 -26.80 -18.65
CA ARG B 154 1.55 -28.05 -18.89
C ARG B 154 1.00 -28.13 -20.32
N TYR B 155 0.80 -26.99 -20.97
CA TYR B 155 0.41 -27.04 -22.38
C TYR B 155 1.59 -27.41 -23.26
N CYS B 156 2.80 -27.01 -22.87
CA CYS B 156 4.00 -27.38 -23.62
C CYS B 156 4.38 -28.84 -23.43
N ILE B 157 3.67 -29.56 -22.57
CA ILE B 157 3.98 -30.94 -22.26
C ILE B 157 3.20 -31.85 -23.19
N CYS B 158 1.88 -31.73 -23.19
CA CYS B 158 1.08 -32.59 -24.02
C CYS B 158 0.78 -31.99 -25.39
N ASN B 159 1.44 -30.88 -25.75
CA ASN B 159 1.43 -30.36 -27.12
C ASN B 159 2.84 -29.91 -27.48
N PRO B 160 3.72 -30.84 -27.79
CA PRO B 160 5.12 -30.47 -27.98
C PRO B 160 5.42 -29.99 -29.39
N GLY B 161 4.55 -30.31 -30.34
CA GLY B 161 4.80 -29.94 -31.72
C GLY B 161 4.64 -28.45 -31.96
N VAL B 162 3.65 -27.84 -31.31
CA VAL B 162 3.42 -26.42 -31.52
C VAL B 162 4.56 -25.60 -30.94
N VAL B 163 5.25 -26.13 -29.93
CA VAL B 163 6.37 -25.41 -29.33
C VAL B 163 7.55 -25.38 -30.29
N ARG B 164 7.80 -26.47 -31.01
CA ARG B 164 8.86 -26.48 -32.01
C ARG B 164 8.56 -25.51 -33.15
N GLN B 165 7.29 -25.10 -33.30
CA GLN B 165 6.87 -24.20 -34.36
C GLN B 165 7.40 -22.78 -34.19
N PHE B 166 7.89 -22.42 -32.99
CA PHE B 166 8.38 -21.08 -32.70
C PHE B 166 9.87 -21.11 -32.38
N ARG B 167 10.58 -20.08 -32.85
CA ARG B 167 12.01 -19.95 -32.60
C ARG B 167 12.33 -19.48 -31.18
N ASN B 168 11.30 -19.43 -30.33
CA ASN B 168 11.38 -19.07 -28.92
C ASN B 168 10.22 -19.77 -28.22
N PRO B 169 10.48 -20.61 -27.22
CA PRO B 169 9.36 -21.23 -26.50
C PRO B 169 8.57 -20.22 -25.70
N ASP B 170 9.23 -19.16 -25.23
CA ASP B 170 8.55 -18.12 -24.46
C ASP B 170 7.44 -17.45 -25.25
N THR B 171 7.35 -17.72 -26.56
CA THR B 171 6.31 -17.10 -27.38
C THR B 171 4.93 -17.65 -27.05
N ILE B 172 4.86 -18.75 -26.32
CA ILE B 172 3.54 -19.25 -25.95
C ILE B 172 3.00 -18.50 -24.73
N PHE B 173 3.89 -18.04 -23.84
CA PHE B 173 3.45 -17.18 -22.74
C PHE B 173 2.88 -15.88 -23.28
N ILE B 174 3.57 -15.29 -24.25
CA ILE B 174 3.11 -14.04 -24.84
C ILE B 174 1.73 -14.21 -25.44
N LEU B 175 1.48 -15.37 -26.07
CA LEU B 175 0.21 -15.58 -26.72
C LEU B 175 -0.91 -15.89 -25.72
N ALA B 176 -0.58 -16.54 -24.60
CA ALA B 176 -1.58 -16.78 -23.57
C ALA B 176 -2.21 -15.47 -23.09
N PHE B 177 -1.37 -14.50 -22.67
CA PHE B 177 -1.89 -13.19 -22.30
C PHE B 177 -2.53 -12.47 -23.49
N ALA B 178 -2.11 -12.78 -24.72
CA ALA B 178 -2.74 -12.12 -25.87
C ALA B 178 -4.21 -12.53 -26.00
N ILE B 179 -4.51 -13.78 -25.67
CA ILE B 179 -5.90 -14.26 -25.72
C ILE B 179 -6.74 -13.60 -24.65
N ILE B 180 -6.23 -13.60 -23.41
CA ILE B 180 -6.99 -13.07 -22.27
C ILE B 180 -7.38 -11.62 -22.49
N LEU B 181 -6.48 -10.84 -23.06
CA LEU B 181 -6.79 -9.43 -23.28
C LEU B 181 -7.82 -9.26 -24.38
N LEU B 182 -7.69 -10.02 -25.48
CA LEU B 182 -8.65 -9.92 -26.57
C LEU B 182 -10.05 -10.24 -26.09
N ASN B 183 -10.18 -11.31 -25.30
CA ASN B 183 -11.46 -11.63 -24.70
C ASN B 183 -11.98 -10.44 -23.88
N THR B 184 -11.11 -9.78 -23.12
CA THR B 184 -11.52 -8.62 -22.34
C THR B 184 -11.97 -7.49 -23.27
N ASP B 185 -11.15 -7.19 -24.28
CA ASP B 185 -11.47 -6.16 -25.26
C ASP B 185 -12.86 -6.36 -25.84
N MET B 186 -13.13 -7.55 -26.36
CA MET B 186 -14.35 -7.82 -27.12
C MET B 186 -15.61 -7.61 -26.28
N TYR B 187 -15.57 -8.03 -25.02
CA TYR B 187 -16.73 -8.04 -24.14
C TYR B 187 -16.48 -7.09 -22.97
N SER B 188 -16.41 -5.81 -23.28
CA SER B 188 -16.12 -4.78 -22.28
C SER B 188 -17.17 -3.69 -22.39
N PRO B 189 -18.07 -3.56 -21.44
CA PRO B 189 -19.14 -2.57 -21.59
C PRO B 189 -18.66 -1.14 -21.52
N ASN B 190 -17.52 -0.89 -20.87
CA ASN B 190 -17.12 0.50 -20.63
C ASN B 190 -16.50 1.13 -21.88
N VAL B 191 -15.70 0.37 -22.61
CA VAL B 191 -15.01 0.87 -23.80
C VAL B 191 -14.66 -0.35 -24.64
N LYS B 192 -14.94 -0.35 -25.95
CA LYS B 192 -15.56 0.73 -26.71
C LYS B 192 -16.33 0.09 -27.87
N PRO B 193 -17.46 0.70 -28.30
CA PRO B 193 -18.29 0.10 -29.33
C PRO B 193 -17.57 -0.50 -30.58
N GLU B 194 -16.70 0.10 -31.43
CA GLU B 194 -16.09 1.45 -31.61
C GLU B 194 -14.60 1.16 -31.65
N ARG B 195 -14.15 0.30 -30.73
CA ARG B 195 -12.81 -0.27 -30.80
C ARG B 195 -12.92 -1.75 -30.42
N LYS B 196 -12.37 -2.61 -31.25
CA LYS B 196 -12.59 -4.04 -31.11
C LYS B 196 -11.39 -4.89 -31.49
N MET B 197 -10.37 -4.31 -32.11
CA MET B 197 -9.22 -4.99 -32.70
C MET B 197 -9.60 -5.80 -33.94
N LYS B 198 -10.78 -5.59 -34.49
CA LYS B 198 -11.37 -6.31 -35.63
C LYS B 198 -10.39 -7.13 -36.47
N LEU B 199 -9.95 -8.27 -35.92
CA LEU B 199 -9.10 -9.26 -36.57
C LEU B 199 -7.75 -8.72 -36.98
N GLU B 200 -7.73 -7.76 -37.91
CA GLU B 200 -6.45 -7.27 -38.42
C GLU B 200 -5.70 -6.46 -37.36
N ASP B 201 -6.43 -5.73 -36.52
CA ASP B 201 -5.82 -5.01 -35.42
C ASP B 201 -5.36 -5.94 -34.30
N PHE B 202 -5.93 -7.15 -34.20
CA PHE B 202 -5.47 -8.12 -33.20
C PHE B 202 -4.16 -8.78 -33.60
N ILE B 203 -3.92 -8.93 -34.91
CA ILE B 203 -2.62 -9.40 -35.34
C ILE B 203 -1.69 -8.23 -35.63
N LYS B 204 -2.23 -7.02 -35.79
CA LYS B 204 -1.39 -5.82 -35.93
C LYS B 204 -0.33 -5.79 -34.83
N ASN B 205 -0.74 -5.79 -33.56
CA ASN B 205 0.19 -6.19 -32.52
C ASN B 205 0.30 -7.71 -32.51
N LEU B 206 1.43 -8.19 -32.00
CA LEU B 206 1.92 -9.56 -32.12
C LEU B 206 2.64 -9.79 -33.44
N ARG B 207 3.26 -8.74 -33.97
CA ARG B 207 4.11 -8.90 -35.12
C ARG B 207 5.47 -9.42 -34.69
N GLY B 208 6.41 -8.53 -34.41
CA GLY B 208 7.72 -8.96 -33.95
C GLY B 208 7.66 -9.43 -32.51
N VAL B 209 7.58 -10.73 -32.28
CA VAL B 209 7.41 -11.24 -30.92
C VAL B 209 8.36 -12.39 -30.59
N ASP B 210 8.54 -13.32 -31.52
CA ASP B 210 9.34 -14.51 -31.20
C ASP B 210 10.83 -14.17 -31.12
N ASP B 211 11.42 -13.73 -32.22
CA ASP B 211 12.72 -13.08 -32.14
C ASP B 211 12.81 -11.83 -33.00
N GLY B 212 11.73 -11.46 -33.67
CA GLY B 212 11.74 -10.37 -34.62
C GLY B 212 10.65 -10.59 -35.65
N GLU B 213 10.27 -11.84 -35.85
CA GLU B 213 9.32 -12.23 -36.88
C GLU B 213 7.96 -12.57 -36.30
N ASP B 214 6.99 -12.73 -37.20
CA ASP B 214 5.60 -12.84 -36.79
C ASP B 214 5.25 -14.30 -36.47
N ILE B 215 3.99 -14.49 -36.07
CA ILE B 215 3.46 -15.78 -35.70
C ILE B 215 2.37 -16.14 -36.72
N PRO B 216 2.33 -17.39 -37.20
CA PRO B 216 1.39 -17.80 -38.27
C PRO B 216 0.06 -17.07 -38.30
N ARG B 217 -0.13 -16.24 -39.32
CA ARG B 217 -1.39 -15.53 -39.50
C ARG B 217 -2.58 -16.47 -39.62
N GLU B 218 -2.33 -17.73 -39.99
CA GLU B 218 -3.43 -18.69 -40.04
C GLU B 218 -3.86 -19.11 -38.64
N MET B 219 -2.90 -19.24 -37.71
CA MET B 219 -3.22 -19.63 -36.34
C MET B 219 -4.03 -18.56 -35.63
N LEU B 220 -3.55 -17.32 -35.66
CA LEU B 220 -4.21 -16.24 -34.95
C LEU B 220 -5.61 -15.96 -35.49
N MET B 221 -5.83 -16.20 -36.78
CA MET B 221 -7.14 -15.91 -37.37
C MET B 221 -8.22 -16.80 -36.77
N GLY B 222 -7.89 -18.04 -36.43
CA GLY B 222 -8.86 -18.92 -35.83
C GLY B 222 -9.06 -18.64 -34.34
N ILE B 223 -8.01 -18.18 -33.68
CA ILE B 223 -8.13 -17.75 -32.28
C ILE B 223 -9.12 -16.59 -32.17
N TYR B 224 -8.98 -15.60 -33.05
CA TYR B 224 -9.91 -14.47 -33.04
C TYR B 224 -11.35 -14.93 -33.26
N GLU B 225 -11.53 -15.98 -34.07
CA GLU B 225 -12.88 -16.38 -34.45
C GLU B 225 -13.53 -17.25 -33.38
N ARG B 226 -12.76 -18.11 -32.74
CA ARG B 226 -13.32 -18.90 -31.65
C ARG B 226 -13.72 -18.04 -30.47
N ILE B 227 -13.07 -16.89 -30.29
CA ILE B 227 -13.44 -15.96 -29.21
C ILE B 227 -14.54 -15.03 -29.69
N ARG B 228 -14.59 -14.75 -30.99
CA ARG B 228 -15.74 -14.03 -31.51
C ARG B 228 -17.00 -14.88 -31.39
N LYS B 229 -16.87 -16.21 -31.56
CA LYS B 229 -18.02 -17.10 -31.46
C LYS B 229 -18.56 -17.15 -30.04
N ARG B 230 -17.76 -17.60 -29.08
CA ARG B 230 -18.20 -17.66 -27.69
C ARG B 230 -17.11 -17.18 -26.74
N GLU B 231 -17.49 -16.26 -25.85
CA GLU B 231 -16.58 -15.61 -24.91
C GLU B 231 -16.08 -16.58 -23.85
N LEU B 232 -14.89 -16.31 -23.33
CA LEU B 232 -14.32 -17.14 -22.29
C LEU B 232 -14.91 -16.73 -20.94
N LYS B 233 -15.62 -17.65 -20.31
CA LYS B 233 -16.25 -17.36 -19.04
C LYS B 233 -15.90 -18.43 -18.03
N THR B 234 -15.99 -18.05 -16.75
CA THR B 234 -15.72 -18.93 -15.63
C THR B 234 -17.02 -19.61 -15.22
N ASN B 235 -16.89 -20.83 -14.71
CA ASN B 235 -18.06 -21.56 -14.25
C ASN B 235 -18.59 -20.93 -12.97
N GLU B 236 -19.91 -20.78 -12.87
CA GLU B 236 -20.49 -19.95 -11.80
C GLU B 236 -20.11 -20.48 -10.43
N ASP B 237 -20.15 -19.60 -9.44
CA ASP B 237 -19.98 -19.96 -8.06
C ASP B 237 -21.13 -19.35 -7.29
N HIS B 238 -21.15 -19.59 -5.97
CA HIS B 238 -22.24 -19.05 -5.18
C HIS B 238 -22.34 -17.54 -5.33
N VAL B 239 -21.20 -16.89 -5.58
CA VAL B 239 -21.22 -15.45 -5.80
C VAL B 239 -22.04 -15.12 -7.03
N SER B 240 -21.99 -15.97 -8.06
CA SER B 240 -22.71 -15.66 -9.29
C SER B 240 -24.21 -15.54 -9.08
N GLN B 241 -24.77 -16.25 -8.08
CA GLN B 241 -26.19 -16.09 -7.75
C GLN B 241 -26.43 -14.88 -6.87
N VAL B 242 -25.43 -14.46 -6.08
CA VAL B 242 -25.61 -13.20 -5.36
C VAL B 242 -25.43 -12.03 -6.31
N GLN B 243 -24.62 -12.17 -7.37
CA GLN B 243 -24.56 -11.15 -8.40
C GLN B 243 -25.94 -10.87 -8.96
N LYS B 244 -26.72 -11.92 -9.23
CA LYS B 244 -28.05 -11.74 -9.81
C LYS B 244 -28.97 -10.99 -8.84
N VAL B 245 -28.90 -11.32 -7.56
CA VAL B 245 -29.84 -10.78 -6.58
C VAL B 245 -29.69 -9.26 -6.46
N GLU B 246 -28.46 -8.78 -6.36
CA GLU B 246 -28.27 -7.33 -6.19
C GLU B 246 -28.58 -6.55 -7.46
N LYS B 247 -28.49 -7.20 -8.62
CA LYS B 247 -28.89 -6.53 -9.87
C LYS B 247 -30.35 -6.10 -9.84
N LEU B 248 -31.20 -6.79 -9.05
CA LEU B 248 -32.62 -6.46 -8.97
C LEU B 248 -32.94 -5.49 -7.84
N ILE B 249 -32.16 -5.53 -6.77
CA ILE B 249 -32.34 -4.64 -5.63
C ILE B 249 -31.79 -3.26 -5.96
N VAL B 250 -32.60 -2.24 -5.74
CA VAL B 250 -32.17 -0.87 -5.91
C VAL B 250 -32.57 -0.05 -4.69
N GLY B 251 -31.57 0.55 -4.05
CA GLY B 251 -30.16 0.43 -4.43
C GLY B 251 -29.33 -0.25 -3.33
N VAL B 265 -22.31 -3.04 -2.50
CA VAL B 265 -22.69 -4.30 -3.15
C VAL B 265 -22.72 -5.48 -2.15
N LEU B 266 -23.28 -6.62 -2.59
CA LEU B 266 -23.45 -7.78 -1.71
C LEU B 266 -22.42 -8.88 -1.91
N SER B 267 -21.95 -9.12 -3.15
CA SER B 267 -20.91 -10.13 -3.38
C SER B 267 -19.67 -9.79 -2.55
N LEU B 268 -19.04 -10.79 -1.96
CA LEU B 268 -18.03 -10.40 -0.97
C LEU B 268 -16.62 -10.99 -0.99
N PRO B 269 -16.38 -12.17 -1.55
CA PRO B 269 -17.13 -13.25 -2.18
C PRO B 269 -17.26 -14.41 -1.21
N HIS B 270 -17.29 -14.11 0.07
CA HIS B 270 -17.68 -15.15 1.02
C HIS B 270 -19.18 -15.17 1.27
N ARG B 271 -19.95 -14.28 0.63
CA ARG B 271 -21.38 -14.15 0.97
C ARG B 271 -22.21 -15.11 0.15
N ARG B 272 -22.98 -15.95 0.84
CA ARG B 272 -23.82 -16.97 0.23
C ARG B 272 -25.29 -16.62 0.50
N LEU B 273 -26.17 -17.03 -0.42
CA LEU B 273 -27.60 -16.77 -0.28
C LEU B 273 -28.29 -18.02 0.29
N VAL B 274 -28.82 -17.89 1.51
CA VAL B 274 -29.44 -19.02 2.20
C VAL B 274 -30.84 -19.27 1.68
N CYS B 275 -31.73 -18.28 1.80
CA CYS B 275 -33.09 -18.48 1.28
C CYS B 275 -33.75 -17.14 1.00
N TYR B 276 -34.85 -17.21 0.26
CA TYR B 276 -35.70 -16.08 -0.05
C TYR B 276 -37.08 -16.34 0.50
N CYS B 277 -37.71 -15.33 1.09
CA CYS B 277 -38.97 -15.48 1.79
C CYS B 277 -39.87 -14.28 1.51
N ARG B 278 -41.10 -14.34 1.99
CA ARG B 278 -42.03 -13.22 1.90
C ARG B 278 -42.73 -13.11 3.24
N LEU B 279 -42.43 -12.08 4.00
CA LEU B 279 -43.08 -11.90 5.29
C LEU B 279 -43.85 -10.58 5.29
N PHE B 280 -44.46 -10.28 6.42
CA PHE B 280 -45.23 -9.05 6.58
C PHE B 280 -44.73 -8.32 7.82
N GLU B 281 -44.36 -7.04 7.65
CA GLU B 281 -43.74 -6.33 8.76
C GLU B 281 -44.81 -5.87 9.74
N VAL B 282 -44.53 -6.04 11.02
CA VAL B 282 -45.48 -5.69 12.06
C VAL B 282 -44.92 -4.50 12.83
N PRO B 283 -45.33 -3.28 12.48
CA PRO B 283 -44.89 -2.10 13.25
C PRO B 283 -45.11 -2.25 14.74
N ASP B 284 -46.37 -2.46 15.15
CA ASP B 284 -46.71 -2.67 16.56
C ASP B 284 -47.43 -4.00 16.72
N PRO B 285 -46.80 -4.98 17.38
CA PRO B 285 -47.46 -6.29 17.56
C PRO B 285 -48.69 -6.24 18.45
N ASN B 286 -48.77 -5.29 19.39
CA ASN B 286 -49.92 -5.22 20.28
C ASN B 286 -51.08 -4.41 19.70
N LYS B 287 -51.06 -4.18 18.37
CA LYS B 287 -51.98 -3.38 17.57
C LYS B 287 -52.31 -4.16 16.30
N PRO B 288 -53.57 -4.16 15.86
CA PRO B 288 -53.96 -4.96 14.69
C PRO B 288 -53.59 -4.25 13.40
N GLN B 289 -53.74 -5.00 12.30
CA GLN B 289 -53.39 -4.49 10.97
C GLN B 289 -53.88 -5.48 9.91
N LYS B 290 -54.05 -4.97 8.70
CA LYS B 290 -54.61 -5.80 7.64
C LYS B 290 -53.63 -6.88 7.22
N LEU B 291 -54.17 -7.93 6.63
CA LEU B 291 -53.37 -8.96 5.98
C LEU B 291 -53.12 -8.51 4.54
N GLY B 292 -51.88 -8.64 4.11
CA GLY B 292 -51.43 -8.02 2.88
C GLY B 292 -50.68 -6.71 3.08
N LEU B 293 -50.87 -6.06 4.23
CA LEU B 293 -50.17 -4.81 4.51
C LEU B 293 -48.71 -5.08 4.84
N HIS B 294 -47.80 -4.31 4.23
CA HIS B 294 -46.38 -4.30 4.61
C HIS B 294 -45.68 -5.58 4.16
N GLN B 295 -45.88 -5.89 2.89
CA GLN B 295 -45.34 -7.12 2.31
C GLN B 295 -43.87 -6.92 1.94
N ARG B 296 -42.99 -7.59 2.67
CA ARG B 296 -41.55 -7.48 2.47
C ARG B 296 -41.04 -8.74 1.78
N GLU B 297 -40.01 -8.59 0.96
CA GLU B 297 -39.34 -9.70 0.31
C GLU B 297 -37.99 -9.86 1.01
N ILE B 298 -37.86 -10.92 1.79
CA ILE B 298 -36.68 -11.08 2.64
C ILE B 298 -35.66 -11.93 1.92
N PHE B 299 -34.39 -11.48 1.94
CA PHE B 299 -33.22 -12.23 1.46
C PHE B 299 -32.32 -12.55 2.63
N LEU B 300 -32.09 -13.82 2.86
CA LEU B 300 -31.24 -14.27 3.95
C LEU B 300 -29.93 -14.78 3.41
N PHE B 301 -28.82 -14.24 3.90
CA PHE B 301 -27.48 -14.61 3.52
C PHE B 301 -26.77 -15.24 4.71
N ASN B 302 -25.64 -15.90 4.47
CA ASN B 302 -24.98 -16.58 5.58
C ASN B 302 -24.52 -15.63 6.69
N ASP B 303 -24.49 -14.31 6.44
CA ASP B 303 -24.10 -13.35 7.48
C ASP B 303 -24.95 -12.10 7.50
N LEU B 304 -26.00 -12.01 6.70
CA LEU B 304 -26.73 -10.79 6.47
C LEU B 304 -28.18 -11.09 6.14
N LEU B 305 -29.08 -10.41 6.84
CA LEU B 305 -30.52 -10.44 6.57
C LEU B 305 -30.89 -9.13 5.90
N VAL B 306 -31.40 -9.21 4.67
CA VAL B 306 -31.73 -8.06 3.85
C VAL B 306 -33.25 -8.02 3.67
N VAL B 307 -33.86 -6.88 3.98
CA VAL B 307 -35.32 -6.69 3.94
C VAL B 307 -35.65 -5.74 2.80
N THR B 308 -36.47 -6.17 1.84
CA THR B 308 -36.77 -5.27 0.73
C THR B 308 -38.29 -5.14 0.55
N LYS B 309 -38.72 -4.63 -0.61
CA LYS B 309 -40.12 -4.51 -0.94
C LYS B 309 -40.24 -4.29 -2.43
N ILE B 310 -41.29 -4.86 -3.03
CA ILE B 310 -41.34 -4.98 -4.49
C ILE B 310 -41.42 -3.61 -5.15
N PHE B 311 -40.90 -3.53 -6.38
CA PHE B 311 -40.79 -2.29 -7.14
C PHE B 311 -41.62 -2.32 -8.43
N GLN B 312 -41.53 -3.39 -9.23
CA GLN B 312 -42.26 -3.48 -10.50
C GLN B 312 -42.71 -4.93 -10.73
N LYS B 313 -43.21 -5.22 -11.94
CA LYS B 313 -43.63 -6.57 -12.30
C LYS B 313 -43.24 -6.90 -13.74
N LYS B 314 -42.92 -8.18 -13.98
CA LYS B 314 -42.50 -8.62 -15.29
C LYS B 314 -43.18 -9.91 -15.70
N VAL B 318 -39.34 -9.05 -12.35
CA VAL B 318 -39.62 -8.36 -11.08
C VAL B 318 -38.40 -7.67 -10.44
N THR B 319 -38.64 -6.51 -9.81
CA THR B 319 -37.59 -5.71 -9.19
C THR B 319 -37.97 -5.35 -7.76
N TYR B 320 -36.95 -5.16 -6.92
CA TYR B 320 -37.14 -4.94 -5.49
C TYR B 320 -36.49 -3.63 -5.07
N SER B 321 -36.81 -3.18 -3.86
CA SER B 321 -36.33 -1.91 -3.36
C SER B 321 -35.74 -2.15 -1.97
N PHE B 322 -34.46 -1.82 -1.80
CA PHE B 322 -33.82 -2.03 -0.52
C PHE B 322 -34.48 -1.18 0.58
N ARG B 323 -34.62 -1.75 1.78
CA ARG B 323 -35.20 -1.05 2.92
C ARG B 323 -34.32 -1.08 4.16
N GLN B 324 -34.02 -2.25 4.73
CA GLN B 324 -33.01 -2.34 5.78
C GLN B 324 -32.24 -3.64 5.63
N SER B 325 -31.15 -3.75 6.38
CA SER B 325 -30.34 -4.95 6.37
C SER B 325 -29.70 -5.11 7.73
N PHE B 326 -29.67 -6.35 8.22
CA PHE B 326 -29.23 -6.64 9.59
C PHE B 326 -28.11 -7.68 9.55
N SER B 327 -27.06 -7.43 10.33
CA SER B 327 -26.09 -8.47 10.58
C SER B 327 -26.70 -9.49 11.52
N LEU B 328 -26.25 -10.75 11.39
CA LEU B 328 -26.77 -11.82 12.23
C LEU B 328 -26.08 -11.90 13.60
N TYR B 329 -24.93 -11.24 13.78
CA TYR B 329 -24.21 -11.33 15.05
C TYR B 329 -24.98 -10.62 16.15
N GLY B 330 -25.15 -11.28 17.30
CA GLY B 330 -25.92 -10.76 18.42
C GLY B 330 -27.41 -10.93 18.31
N MET B 331 -27.91 -11.41 17.17
CA MET B 331 -29.36 -11.47 16.95
C MET B 331 -29.98 -12.69 17.60
N GLN B 332 -31.08 -12.47 18.31
CA GLN B 332 -31.96 -13.52 18.79
C GLN B 332 -33.17 -13.64 17.85
N VAL B 333 -33.82 -14.79 17.85
CA VAL B 333 -34.99 -14.99 17.01
C VAL B 333 -36.12 -15.48 17.91
N LEU B 334 -37.14 -14.65 18.07
CA LEU B 334 -38.31 -14.99 18.86
C LEU B 334 -39.49 -15.38 17.96
N LEU B 335 -40.45 -16.06 18.56
CA LEU B 335 -41.71 -16.41 17.93
C LEU B 335 -42.81 -15.85 18.81
N PHE B 336 -43.90 -15.36 18.23
CA PHE B 336 -44.97 -14.85 19.07
C PHE B 336 -46.33 -15.09 18.43
N GLU B 337 -47.35 -15.13 19.30
CA GLU B 337 -48.74 -15.36 18.92
C GLU B 337 -49.65 -14.37 19.65
N ASN B 338 -50.62 -13.82 18.91
CA ASN B 338 -51.55 -12.81 19.42
C ASN B 338 -52.94 -13.12 18.87
N GLN B 339 -53.96 -12.45 19.41
CA GLN B 339 -55.21 -12.49 18.67
C GLN B 339 -55.03 -11.82 17.32
N TYR B 340 -54.05 -10.92 17.21
CA TYR B 340 -53.83 -10.23 15.94
C TYR B 340 -52.86 -10.97 15.03
N TYR B 341 -51.86 -11.64 15.62
CA TYR B 341 -50.83 -12.31 14.83
C TYR B 341 -50.73 -13.78 15.26
N PRO B 342 -51.02 -14.72 14.36
CA PRO B 342 -50.85 -16.14 14.68
C PRO B 342 -49.42 -16.62 14.46
N ASN B 343 -48.76 -16.11 13.40
CA ASN B 343 -47.41 -16.50 13.00
C ASN B 343 -46.37 -15.42 13.22
N GLY B 344 -46.21 -14.98 14.47
CA GLY B 344 -45.34 -13.84 14.76
C GLY B 344 -43.88 -14.21 14.95
N ILE B 345 -42.99 -13.35 14.43
CA ILE B 345 -41.54 -13.49 14.50
C ILE B 345 -40.97 -12.15 14.94
N ARG B 346 -40.26 -12.14 16.06
CA ARG B 346 -39.64 -10.91 16.54
C ARG B 346 -38.12 -11.08 16.60
N LEU B 347 -37.40 -10.13 16.02
CA LEU B 347 -35.94 -10.18 15.89
C LEU B 347 -35.29 -9.22 16.89
N THR B 348 -34.37 -9.73 17.71
CA THR B 348 -33.73 -9.03 18.83
C THR B 348 -32.24 -8.91 18.57
N SER B 349 -31.59 -7.96 19.26
CA SER B 349 -30.16 -7.78 19.09
C SER B 349 -29.51 -7.40 20.40
N SER B 350 -28.41 -8.08 20.74
CA SER B 350 -27.73 -7.94 22.01
C SER B 350 -26.28 -7.49 21.83
N VAL B 351 -25.85 -6.58 22.69
CA VAL B 351 -24.47 -6.12 22.71
C VAL B 351 -23.94 -6.11 24.14
N ASP B 355 -26.99 -3.69 26.14
CA ASP B 355 -28.42 -3.48 26.31
C ASP B 355 -29.20 -4.12 25.15
N ILE B 356 -30.49 -4.39 25.39
CA ILE B 356 -31.30 -5.11 24.41
C ILE B 356 -31.89 -4.15 23.38
N LYS B 357 -32.37 -4.70 22.27
CA LYS B 357 -32.93 -3.90 21.20
C LYS B 357 -33.72 -4.79 20.27
N VAL B 358 -34.99 -4.46 20.04
CA VAL B 358 -35.86 -5.18 19.13
C VAL B 358 -35.61 -4.63 17.72
N LEU B 359 -35.13 -5.47 16.83
CA LEU B 359 -34.77 -4.99 15.49
C LEU B 359 -36.01 -4.77 14.63
N ILE B 360 -36.94 -5.74 14.61
CA ILE B 360 -38.05 -5.74 13.66
C ILE B 360 -38.99 -6.87 14.05
N ASN B 361 -40.27 -6.73 13.67
CA ASN B 361 -41.31 -7.74 13.91
C ASN B 361 -41.95 -8.16 12.60
N PHE B 362 -42.13 -9.47 12.42
CA PHE B 362 -42.74 -9.98 11.20
C PHE B 362 -43.94 -10.86 11.52
N ASN B 363 -44.69 -11.18 10.46
CA ASN B 363 -45.80 -12.13 10.53
C ASN B 363 -45.76 -12.94 9.25
N ALA B 364 -45.56 -14.25 9.36
CA ALA B 364 -45.51 -15.11 8.19
C ALA B 364 -46.93 -15.48 7.75
N PRO B 365 -47.10 -15.79 6.45
CA PRO B 365 -48.45 -16.15 5.97
C PRO B 365 -48.98 -17.45 6.56
N ASN B 366 -48.12 -18.44 6.81
CA ASN B 366 -48.50 -19.71 7.43
C ASN B 366 -47.43 -20.18 8.34
N PRO B 367 -47.73 -20.98 9.38
CA PRO B 367 -46.73 -21.39 10.35
C PRO B 367 -45.67 -22.31 9.77
N GLN B 368 -45.89 -22.84 8.56
CA GLN B 368 -44.84 -23.60 7.89
C GLN B 368 -43.71 -22.66 7.47
N ASP B 369 -44.06 -21.54 6.81
CA ASP B 369 -43.06 -20.53 6.47
C ASP B 369 -42.37 -19.99 7.72
N ARG B 370 -43.14 -19.69 8.76
CA ARG B 370 -42.52 -19.25 10.01
C ARG B 370 -41.50 -20.29 10.51
N LYS B 371 -41.83 -21.58 10.38
CA LYS B 371 -40.87 -22.62 10.75
C LYS B 371 -39.63 -22.56 9.86
N LYS B 372 -39.81 -22.70 8.53
CA LYS B 372 -38.66 -22.83 7.63
C LYS B 372 -37.74 -21.61 7.70
N PHE B 373 -38.32 -20.43 7.85
CA PHE B 373 -37.51 -19.22 7.89
C PHE B 373 -36.73 -19.13 9.21
N THR B 374 -37.40 -19.28 10.34
CA THR B 374 -36.71 -19.15 11.62
C THR B 374 -35.71 -20.27 11.87
N ASP B 375 -35.80 -21.38 11.13
CA ASP B 375 -34.81 -22.44 11.32
C ASP B 375 -33.53 -22.13 10.55
N ASP B 376 -33.66 -21.71 9.29
CA ASP B 376 -32.48 -21.28 8.53
C ASP B 376 -31.77 -20.11 9.20
N LEU B 377 -32.54 -19.17 9.75
CA LEU B 377 -31.97 -17.96 10.32
C LEU B 377 -31.31 -18.24 11.67
N ARG B 378 -31.85 -19.19 12.43
CA ARG B 378 -31.22 -19.53 13.70
C ARG B 378 -29.91 -20.26 13.46
N GLU B 379 -29.87 -21.09 12.42
CA GLU B 379 -28.64 -21.79 12.07
C GLU B 379 -27.58 -20.84 11.54
N SER B 380 -27.95 -19.92 10.65
CA SER B 380 -26.97 -18.93 10.19
C SER B 380 -26.49 -18.03 11.31
N ILE B 381 -27.31 -17.77 12.32
CA ILE B 381 -26.82 -17.01 13.47
C ILE B 381 -25.80 -17.81 14.24
N ALA B 382 -26.04 -19.11 14.41
CA ALA B 382 -25.04 -19.95 15.04
C ALA B 382 -23.77 -20.00 14.19
N GLU B 383 -23.93 -20.00 12.85
CA GLU B 383 -22.76 -20.03 11.99
C GLU B 383 -21.87 -18.81 12.19
N VAL B 384 -22.45 -17.61 12.16
CA VAL B 384 -21.66 -16.39 12.37
C VAL B 384 -21.15 -16.31 13.81
N GLN B 385 -21.91 -16.82 14.79
CA GLN B 385 -21.44 -16.74 16.16
C GLN B 385 -20.18 -17.58 16.36
N GLU B 386 -20.02 -18.64 15.56
CA GLU B 386 -18.80 -19.43 15.62
C GLU B 386 -17.65 -18.78 14.83
N MET B 387 -17.93 -18.14 13.69
CA MET B 387 -16.88 -17.44 12.96
C MET B 387 -16.29 -16.30 13.80
N GLU B 388 -17.14 -15.50 14.45
CA GLU B 388 -16.61 -14.44 15.31
C GLU B 388 -15.90 -15.01 16.54
N LYS B 389 -16.39 -16.14 17.06
CA LYS B 389 -15.66 -16.86 18.10
C LYS B 389 -14.26 -17.24 17.63
N HIS B 390 -14.12 -17.53 16.34
CA HIS B 390 -12.87 -17.86 15.71
C HIS B 390 -12.11 -16.57 15.39
N ARG B 391 -11.64 -15.90 16.44
CA ARG B 391 -10.80 -14.72 16.27
C ARG B 391 -9.72 -14.70 17.34
N ILE B 392 -8.47 -14.64 16.89
CA ILE B 392 -7.25 -14.75 17.69
C ILE B 392 -7.48 -15.70 18.87
#